data_9ITB
#
_entry.id   9ITB
#
_cell.length_a   1.00
_cell.length_b   1.00
_cell.length_c   1.00
_cell.angle_alpha   90.00
_cell.angle_beta   90.00
_cell.angle_gamma   90.00
#
_symmetry.space_group_name_H-M   'P 1'
#
loop_
_entity.id
_entity.type
_entity.pdbx_description
1 polymer 'engineered miniGaq'
2 polymer 'Guanine nucleotide-binding protein G(I)/G(S)/G(T) subunit beta-1'
3 polymer Nb35
4 polymer 'Lysophosphatidic acid receptor 6'
5 polymer 'Guanine nucleotide-binding protein G(I)/G(S)/G(O) subunit gamma-2'
6 non-polymer '(2R)-2-hydroxy-3-(phosphonooxy)propyl (9E)-octadec-9-enoate'
7 non-polymer CHOLESTEROL
8 non-polymer 'PALMITIC ACID'
#
loop_
_entity_poly.entity_id
_entity_poly.type
_entity_poly.pdbx_seq_one_letter_code
_entity_poly.pdbx_strand_id
1 'polypeptide(L)'
;MMGCTLSAEDKAAVERSKMIEKQLQKDKQVYRRTLRLLLLGADNSGKSTIVKQMRIYHVNGYSEEECKQYKAVVYSNTIQ
SIIAIIRAMGRLKIDFGDSARADDARQLFVLAGAAEEGFMTAELAGVIKRLWKDSGVQACFNRSREYQLNDSAAYYLNDL
DRIAQPNYIPTQQDVLRTRVKTSGIFETKFQVDKVNFHMFDVGAQRDERRKWIQCFNDVTAIIFVVDSSDYNRLQEALND
FKSIWNNRWLRTISVILFLNKQDLLAEKVLAGKSKIEDYFPEFARYTTPEDATPEPGEDPRVTRAKYFIRKEFVDISTAS
GDGRHICYPHFTCSVDTENARRIFNDCKDIILQMNLREYNLV
;
A
2 'polypeptide(L)'
;MGSLLQSELDQLRQEAEQLKNQIRDARKACADATLSQITNNIDPVGRIQMRTRRTLRGHLAKIYAMHWGTDSRLLVSASQ
DGKLIIWDSYTTNKVHAIPLRSSWVMTCAYAPSGNYVACGGLDNICSIYNLKTREGNVRVSRELAGHTGYLSCCRFLDDN
QIVTSSGDTTCALWDIETGQQTTTFTGHTGDVMSLSLAPDTRLFVSGACDASAKLWDVREGMCRQTFTGHESDINAICFF
PNGNAFATGSDDATCRLFDLRADQELMTYSHDNIICGITSVSFSKSGRLLLAGYDDFNCNVWDALKADRAGVLAGHDNRV
SCLGVTDDGMAVATGSWDSFLKIWN
;
B
3 'polypeptide(L)'
;MKYLLPTAAAGLLLLAAQPAMAQVQLQESGGGLVQPGGSLRLSCAASGFTFSNYKMNWVRQAPGKGLEWVSDISQSGASI
SYTGSVKGRFTISRDNAKNTLYLQMNSLKPEDTAVYYCARCPAPFTRDCFDVTSTTYAYRGQGTQVTVSSAAALEHHHHH
H
;
N
4 'polypeptide(L)'
;MVSVNSSHCFYNDSFKYTLYGCMFSMVFVLGLISNCVAIYIFACVLKVRNETTTYMINLAMSDLLFVFTLPFRIFYFTTR
NWPFGDLLCKISVMLFYTNMYGSILFLTCISVDRFLAIVYPFKSKTLRTKRNAKIVCTGVWLTVIGGSAPAVFVQSTHSQ
GNNASRACFENFPEATWKTYLSRIVIFIEIVGFFIPLILNVTCSSMVLKTLTKPVTLSRSKINKTKVLKMIFVHLIIFCF
CFVPYNINLILYSLVRTQTFVNCSVVAAVRTMYPITLCIAVSNCCFDPIVYYFT
;
R
5 'polypeptide(L)' MASNNTASIAQARKLVEQLKMEANIDRIKVSKAAADLMAYCEAHAKEDPLLTPVPASENPFREKKFFCAIL G
#
# COMPACT_ATOMS: atom_id res chain seq x y z
N GLU A 9 8.42 7.77 -38.64
CA GLU A 9 9.78 7.76 -38.11
C GLU A 9 9.80 8.19 -36.65
N ASP A 10 10.92 8.79 -36.22
CA ASP A 10 11.08 9.12 -34.81
C ASP A 10 10.24 10.33 -34.41
N LYS A 11 10.17 11.34 -35.28
CA LYS A 11 9.46 12.57 -34.93
C LYS A 11 7.98 12.31 -34.69
N ALA A 12 7.36 11.49 -35.54
CA ALA A 12 5.94 11.17 -35.36
C ALA A 12 5.71 10.43 -34.05
N ALA A 13 6.62 9.49 -33.70
CA ALA A 13 6.48 8.76 -32.45
C ALA A 13 6.57 9.69 -31.25
N VAL A 14 7.52 10.64 -31.27
CA VAL A 14 7.64 11.57 -30.15
C VAL A 14 6.40 12.47 -30.07
N GLU A 15 5.88 12.91 -31.21
CA GLU A 15 4.68 13.74 -31.20
C GLU A 15 3.49 13.01 -30.59
N ARG A 16 3.29 11.75 -30.99
CA ARG A 16 2.19 10.97 -30.45
C ARG A 16 2.36 10.76 -28.95
N SER A 17 3.58 10.46 -28.51
CA SER A 17 3.83 10.29 -27.09
C SER A 17 3.49 11.56 -26.30
N LYS A 18 3.88 12.73 -26.83
CA LYS A 18 3.60 13.98 -26.13
C LYS A 18 2.10 14.25 -26.04
N MET A 19 1.35 13.98 -27.11
CA MET A 19 -0.09 14.15 -27.06
C MET A 19 -0.72 13.25 -25.98
N ILE A 20 -0.27 11.99 -25.92
CA ILE A 20 -0.76 11.08 -24.89
C ILE A 20 -0.45 11.62 -23.50
N GLU A 21 0.74 12.20 -23.32
CA GLU A 21 1.10 12.75 -22.01
C GLU A 21 0.19 13.91 -21.63
N LYS A 22 -0.15 14.77 -22.59
CA LYS A 22 -1.07 15.87 -22.29
C LYS A 22 -2.41 15.34 -21.80
N GLN A 23 -2.96 14.34 -22.49
CA GLN A 23 -4.22 13.77 -22.05
C GLN A 23 -4.10 13.14 -20.65
N LEU A 24 -2.98 12.48 -20.39
CA LEU A 24 -2.79 11.85 -19.08
C LEU A 24 -2.75 12.88 -17.96
N GLN A 25 -2.10 14.03 -18.20
CA GLN A 25 -2.09 15.10 -17.20
C GLN A 25 -3.49 15.63 -16.94
N LYS A 26 -4.28 15.81 -18.01
CA LYS A 26 -5.68 16.20 -17.83
C LYS A 26 -6.43 15.21 -16.96
N ASP A 27 -6.21 13.91 -17.18
CA ASP A 27 -6.90 12.89 -16.39
C ASP A 27 -6.49 12.93 -14.93
N LYS A 28 -5.19 13.11 -14.67
CA LYS A 28 -4.70 13.12 -13.29
C LYS A 28 -5.30 14.27 -12.51
N GLN A 29 -5.43 15.44 -13.16
CA GLN A 29 -5.94 16.61 -12.45
C GLN A 29 -7.30 16.35 -11.83
N VAL A 30 -8.16 15.60 -12.51
CA VAL A 30 -9.48 15.30 -11.97
C VAL A 30 -9.48 14.04 -11.11
N TYR A 31 -8.56 13.10 -11.35
CA TYR A 31 -8.48 11.92 -10.49
C TYR A 31 -8.13 12.31 -9.06
N ARG A 32 -7.25 13.29 -8.90
CA ARG A 32 -6.74 13.56 -7.55
C ARG A 32 -7.74 14.27 -6.63
N ARG A 33 -8.95 14.62 -7.10
CA ARG A 33 -9.84 15.49 -6.34
C ARG A 33 -11.13 14.79 -5.91
N THR A 34 -11.25 13.48 -6.13
CA THR A 34 -12.45 12.71 -5.82
C THR A 34 -12.17 11.77 -4.65
N LEU A 35 -13.19 11.54 -3.82
CA LEU A 35 -13.05 10.68 -2.65
C LEU A 35 -13.77 9.35 -2.86
N ARG A 36 -13.04 8.25 -2.69
CA ARG A 36 -13.54 6.90 -2.89
C ARG A 36 -13.81 6.21 -1.55
N LEU A 37 -14.97 5.57 -1.44
CA LEU A 37 -15.42 4.94 -0.20
C LEU A 37 -15.88 3.52 -0.47
N LEU A 38 -15.61 2.61 0.48
CA LEU A 38 -16.02 1.22 0.33
C LEU A 38 -17.08 0.88 1.37
N LEU A 39 -18.21 0.32 0.93
CA LEU A 39 -19.34 0.06 1.81
C LEU A 39 -19.47 -1.43 2.11
N LEU A 40 -19.61 -1.77 3.40
CA LEU A 40 -19.69 -3.16 3.85
C LEU A 40 -20.85 -3.35 4.82
N GLY A 41 -21.46 -4.52 4.73
CA GLY A 41 -22.57 -4.86 5.62
C GLY A 41 -23.11 -6.22 5.27
N ALA A 42 -23.94 -6.74 6.18
CA ALA A 42 -24.58 -8.03 6.01
C ALA A 42 -25.99 -7.87 5.45
N ASP A 43 -26.64 -8.99 5.16
CA ASP A 43 -27.95 -8.95 4.50
C ASP A 43 -29.04 -8.46 5.43
N ASN A 44 -28.96 -8.82 6.72
CA ASN A 44 -29.98 -8.38 7.68
C ASN A 44 -29.88 -6.89 8.00
N SER A 45 -28.78 -6.23 7.64
CA SER A 45 -28.65 -4.80 7.85
C SER A 45 -29.37 -4.03 6.75
N GLY A 46 -29.70 -2.77 7.05
CA GLY A 46 -30.36 -1.93 6.09
C GLY A 46 -29.40 -1.11 5.24
N LYS A 47 -28.52 -1.80 4.52
CA LYS A 47 -27.49 -1.14 3.72
C LYS A 47 -28.07 -0.52 2.45
N SER A 48 -28.99 -1.22 1.79
CA SER A 48 -29.63 -0.70 0.59
C SER A 48 -30.50 0.52 0.91
N THR A 49 -31.13 0.54 2.08
CA THR A 49 -31.88 1.72 2.48
C THR A 49 -30.96 2.92 2.64
N ILE A 50 -29.77 2.72 3.20
CA ILE A 50 -28.82 3.83 3.34
C ILE A 50 -28.37 4.31 1.97
N VAL A 51 -28.07 3.41 1.08
CA VAL A 51 -27.63 3.86 -0.23
C VAL A 51 -28.77 4.48 -1.03
N LYS A 52 -30.02 4.18 -0.67
CA LYS A 52 -31.17 4.78 -1.35
C LYS A 52 -31.56 6.14 -0.79
N GLN A 53 -30.86 6.63 0.25
CA GLN A 53 -31.12 7.95 0.82
C GLN A 53 -30.15 9.01 0.34
N MET A 54 -29.70 8.94 -0.91
CA MET A 54 -28.69 9.85 -1.42
C MET A 54 -29.09 10.36 -2.80
N ARG A 55 -29.02 11.67 -2.98
CA ARG A 55 -29.49 12.34 -4.19
C ARG A 55 -28.33 13.05 -4.87
N ILE A 56 -28.18 12.81 -6.17
CA ILE A 56 -27.15 13.44 -6.99
C ILE A 56 -27.76 14.51 -7.88
N THR A 182 -25.54 -11.25 -13.45
CA THR A 182 -24.22 -11.66 -12.96
C THR A 182 -23.24 -10.48 -12.92
N SER A 183 -23.75 -9.31 -12.55
CA SER A 183 -22.93 -8.12 -12.42
C SER A 183 -22.19 -8.13 -11.08
N GLY A 184 -20.92 -7.75 -11.10
CA GLY A 184 -20.06 -7.96 -9.96
C GLY A 184 -19.90 -6.83 -8.96
N ILE A 185 -20.12 -5.59 -9.36
CA ILE A 185 -19.85 -4.44 -8.49
C ILE A 185 -20.73 -3.27 -8.92
N PHE A 186 -21.14 -2.46 -7.95
CA PHE A 186 -22.00 -1.30 -8.19
C PHE A 186 -21.36 -0.04 -7.63
N GLU A 187 -21.66 1.10 -8.25
CA GLU A 187 -21.13 2.40 -7.85
C GLU A 187 -22.24 3.42 -7.71
N THR A 188 -22.08 4.33 -6.74
CA THR A 188 -22.99 5.44 -6.52
C THR A 188 -22.19 6.72 -6.36
N LYS A 189 -22.61 7.78 -7.06
CA LYS A 189 -21.94 9.07 -7.02
C LYS A 189 -22.83 10.10 -6.34
N PHE A 190 -22.25 10.89 -5.45
CA PHE A 190 -22.98 12.02 -4.89
C PHE A 190 -22.03 13.17 -4.59
N GLN A 191 -22.60 14.32 -4.23
CA GLN A 191 -21.84 15.55 -4.06
C GLN A 191 -22.35 16.31 -2.85
N VAL A 192 -21.44 16.77 -2.00
CA VAL A 192 -21.77 17.61 -0.86
C VAL A 192 -20.82 18.78 -0.81
N ASP A 193 -21.37 19.99 -0.78
CA ASP A 193 -20.59 21.24 -0.70
C ASP A 193 -19.53 21.30 -1.79
N LYS A 194 -19.91 20.91 -3.00
CA LYS A 194 -19.01 20.90 -4.15
C LYS A 194 -17.83 19.97 -3.93
N VAL A 195 -18.06 18.84 -3.26
CA VAL A 195 -17.07 17.78 -3.11
C VAL A 195 -17.69 16.48 -3.60
N ASN A 196 -16.91 15.68 -4.33
CA ASN A 196 -17.39 14.52 -5.06
C ASN A 196 -17.02 13.23 -4.35
N PHE A 197 -18.04 12.41 -4.07
CA PHE A 197 -17.86 11.11 -3.43
C PHE A 197 -18.32 10.01 -4.38
N HIS A 198 -17.50 8.97 -4.51
CA HIS A 198 -17.84 7.73 -5.20
C HIS A 198 -17.83 6.60 -4.19
N MET A 199 -18.94 5.87 -4.08
CA MET A 199 -19.08 4.81 -3.08
C MET A 199 -19.33 3.49 -3.79
N PHE A 200 -18.62 2.45 -3.36
CA PHE A 200 -18.63 1.16 -4.05
C PHE A 200 -19.25 0.07 -3.18
N ASP A 201 -20.03 -0.79 -3.84
CA ASP A 201 -20.71 -1.92 -3.21
C ASP A 201 -20.46 -3.17 -4.04
N VAL A 202 -20.49 -4.32 -3.39
CA VAL A 202 -20.10 -5.59 -3.99
C VAL A 202 -21.34 -6.40 -4.34
N GLY A 203 -21.35 -6.97 -5.55
CA GLY A 203 -22.51 -7.70 -6.05
C GLY A 203 -22.40 -9.20 -6.00
N ALA A 204 -22.15 -9.84 -7.15
CA ALA A 204 -22.22 -11.30 -7.27
C ALA A 204 -20.85 -11.91 -7.04
N GLN A 205 -20.53 -12.19 -5.78
CA GLN A 205 -19.30 -12.88 -5.41
C GLN A 205 -19.66 -14.06 -4.50
N ARG A 206 -18.63 -14.74 -3.98
CA ARG A 206 -18.81 -15.87 -3.09
C ARG A 206 -18.50 -15.46 -1.66
N ASP A 207 -18.61 -16.44 -0.75
CA ASP A 207 -18.38 -16.18 0.67
C ASP A 207 -16.95 -15.75 0.94
N GLU A 208 -15.98 -16.43 0.33
CA GLU A 208 -14.58 -16.11 0.56
C GLU A 208 -14.27 -14.69 0.11
N ARG A 209 -13.55 -13.95 0.95
CA ARG A 209 -13.22 -12.57 0.62
C ARG A 209 -11.81 -12.18 1.04
N ARG A 210 -10.91 -13.14 1.15
CA ARG A 210 -9.54 -12.86 1.55
C ARG A 210 -8.63 -12.57 0.36
N LYS A 211 -9.19 -12.50 -0.85
CA LYS A 211 -8.43 -12.21 -2.05
C LYS A 211 -8.86 -10.91 -2.73
N TRP A 212 -10.16 -10.64 -2.85
CA TRP A 212 -10.61 -9.43 -3.50
C TRP A 212 -10.74 -8.25 -2.55
N ILE A 213 -10.56 -8.47 -1.25
CA ILE A 213 -10.51 -7.34 -0.32
C ILE A 213 -9.23 -6.54 -0.53
N GLN A 214 -8.16 -7.21 -0.98
CA GLN A 214 -6.87 -6.56 -1.16
C GLN A 214 -6.92 -5.42 -2.18
N CYS A 215 -7.94 -5.38 -3.03
CA CYS A 215 -8.10 -4.32 -3.99
C CYS A 215 -8.44 -2.98 -3.36
N PHE A 216 -8.78 -2.95 -2.08
CA PHE A 216 -9.29 -1.75 -1.44
C PHE A 216 -8.36 -1.22 -0.35
N ASN A 217 -7.05 -1.19 -0.61
CA ASN A 217 -6.10 -0.76 0.40
C ASN A 217 -5.83 0.73 0.39
N ASP A 218 -6.31 1.47 -0.60
CA ASP A 218 -6.01 2.89 -0.72
C ASP A 218 -7.27 3.74 -0.83
N VAL A 219 -8.43 3.19 -0.48
CA VAL A 219 -9.63 4.00 -0.37
C VAL A 219 -9.50 4.96 0.81
N THR A 220 -10.32 6.01 0.79
CA THR A 220 -10.28 6.96 1.89
C THR A 220 -10.86 6.37 3.17
N ALA A 221 -11.98 5.65 3.06
CA ALA A 221 -12.63 5.14 4.27
C ALA A 221 -13.51 3.94 3.95
N ILE A 222 -13.77 3.15 5.00
CA ILE A 222 -14.68 2.02 4.94
C ILE A 222 -15.89 2.32 5.80
N ILE A 223 -17.07 2.14 5.24
CA ILE A 223 -18.33 2.38 5.95
C ILE A 223 -18.92 1.02 6.31
N PHE A 224 -18.96 0.72 7.60
CA PHE A 224 -19.37 -0.58 8.12
C PHE A 224 -20.75 -0.46 8.76
N VAL A 225 -21.73 -1.20 8.26
CA VAL A 225 -23.11 -1.11 8.71
C VAL A 225 -23.44 -2.33 9.55
N VAL A 226 -24.04 -2.11 10.72
CA VAL A 226 -24.38 -3.18 11.66
C VAL A 226 -25.84 -3.04 12.04
N ASP A 227 -26.54 -4.17 12.14
CA ASP A 227 -27.92 -4.22 12.62
C ASP A 227 -27.87 -4.44 14.12
N SER A 228 -28.14 -3.39 14.89
CA SER A 228 -27.95 -3.42 16.33
C SER A 228 -29.15 -4.00 17.10
N SER A 229 -30.26 -4.25 16.43
CA SER A 229 -31.40 -4.88 17.09
C SER A 229 -31.37 -6.40 17.01
N ASP A 230 -30.44 -6.97 16.25
CA ASP A 230 -30.28 -8.41 16.15
C ASP A 230 -28.81 -8.77 16.32
N ASN A 232 -29.03 -13.99 18.72
CA ASN A 232 -28.55 -12.78 18.05
C ASN A 232 -27.43 -13.12 17.09
N ARG A 233 -27.06 -12.14 16.26
CA ARG A 233 -25.95 -12.27 15.31
C ARG A 233 -24.88 -11.21 15.56
N LEU A 234 -24.82 -10.65 16.77
CA LEU A 234 -23.85 -9.61 17.06
C LEU A 234 -22.44 -10.15 17.10
N GLN A 235 -22.25 -11.41 17.50
CA GLN A 235 -20.92 -11.99 17.57
C GLN A 235 -20.31 -12.10 16.17
N GLU A 236 -21.11 -12.42 15.16
CA GLU A 236 -20.59 -12.44 13.79
C GLU A 236 -20.10 -11.06 13.38
N ALA A 237 -20.88 -10.02 13.70
CA ALA A 237 -20.47 -8.66 13.36
C ALA A 237 -19.19 -8.26 14.06
N LEU A 238 -19.07 -8.61 15.34
CA LEU A 238 -17.86 -8.27 16.09
C LEU A 238 -16.65 -8.99 15.52
N ASN A 239 -16.82 -10.27 15.12
CA ASN A 239 -15.73 -11.01 14.50
C ASN A 239 -15.33 -10.42 13.16
N ASP A 240 -16.31 -9.99 12.35
CA ASP A 240 -15.99 -9.33 11.08
C ASP A 240 -15.21 -8.05 11.29
N PHE A 241 -15.65 -7.23 12.25
CA PHE A 241 -14.96 -5.99 12.55
C PHE A 241 -13.53 -6.25 13.03
N LYS A 242 -13.36 -7.27 13.88
CA LYS A 242 -12.04 -7.62 14.38
C LYS A 242 -11.12 -8.10 13.26
N SER A 243 -11.65 -8.88 12.32
CA SER A 243 -10.83 -9.34 11.19
C SER A 243 -10.48 -8.20 10.24
N ILE A 244 -11.39 -7.24 10.06
CA ILE A 244 -11.10 -6.10 9.17
C ILE A 244 -10.06 -5.19 9.81
N TRP A 245 -10.15 -4.99 11.14
CA TRP A 245 -9.28 -4.03 11.81
C TRP A 245 -7.81 -4.45 11.76
N ASN A 246 -7.53 -5.76 11.87
CA ASN A 246 -6.18 -6.26 12.07
C ASN A 246 -5.48 -6.72 10.80
N ASN A 247 -6.10 -6.58 9.63
CA ASN A 247 -5.49 -7.05 8.39
C ASN A 247 -4.22 -6.26 8.07
N ARG A 248 -3.31 -6.92 7.34
CA ARG A 248 -2.01 -6.31 7.05
C ARG A 248 -2.11 -5.25 5.97
N TRP A 249 -2.97 -5.45 4.98
CA TRP A 249 -3.11 -4.52 3.88
C TRP A 249 -4.18 -3.47 4.13
N LEU A 250 -4.83 -3.50 5.29
CA LEU A 250 -5.90 -2.56 5.64
C LEU A 250 -5.68 -1.96 7.03
N ARG A 251 -4.42 -1.79 7.44
CA ARG A 251 -4.13 -1.25 8.77
C ARG A 251 -3.82 0.24 8.78
N THR A 252 -4.08 0.95 7.69
CA THR A 252 -3.96 2.40 7.66
C THR A 252 -5.25 3.08 7.22
N ILE A 253 -6.36 2.35 7.20
CA ILE A 253 -7.63 2.83 6.68
C ILE A 253 -8.61 3.00 7.83
N SER A 254 -9.33 4.12 7.84
CA SER A 254 -10.27 4.44 8.90
C SER A 254 -11.68 3.96 8.56
N VAL A 255 -12.47 3.78 9.61
CA VAL A 255 -13.75 3.11 9.53
C VAL A 255 -14.82 4.01 10.14
N ILE A 256 -15.90 4.22 9.40
CA ILE A 256 -17.09 4.90 9.91
C ILE A 256 -18.15 3.84 10.17
N LEU A 257 -18.60 3.76 11.41
CA LEU A 257 -19.46 2.67 11.88
C LEU A 257 -20.88 3.17 12.05
N PHE A 258 -21.85 2.48 11.44
CA PHE A 258 -23.25 2.87 11.50
C PHE A 258 -24.04 1.76 12.21
N LEU A 259 -24.56 2.09 13.39
CA LEU A 259 -25.39 1.16 14.17
C LEU A 259 -26.85 1.46 13.85
N ASN A 260 -27.45 0.63 13.00
CA ASN A 260 -28.74 0.90 12.39
C ASN A 260 -29.89 0.41 13.27
N LYS A 261 -31.10 0.79 12.85
CA LYS A 261 -32.35 0.27 13.41
C LYS A 261 -32.44 0.53 14.92
N GLN A 262 -32.49 1.81 15.26
CA GLN A 262 -32.58 2.21 16.66
C GLN A 262 -33.99 2.01 17.22
N ASP A 263 -35.01 2.29 16.40
CA ASP A 263 -36.39 2.19 16.87
C ASP A 263 -36.77 0.75 17.17
N LEU A 264 -36.32 -0.19 16.36
CA LEU A 264 -36.58 -1.60 16.63
C LEU A 264 -35.93 -2.02 17.95
N LEU A 265 -34.70 -1.57 18.19
CA LEU A 265 -34.04 -1.87 19.46
C LEU A 265 -34.80 -1.30 20.64
N ALA A 266 -35.28 -0.06 20.51
CA ALA A 266 -36.03 0.54 21.60
C ALA A 266 -37.32 -0.23 21.89
N GLU A 267 -38.04 -0.62 20.84
CA GLU A 267 -39.26 -1.40 21.03
C GLU A 267 -38.96 -2.76 21.67
N LYS A 268 -37.89 -3.42 21.24
CA LYS A 268 -37.53 -4.71 21.80
C LYS A 268 -37.15 -4.58 23.27
N VAL A 269 -36.40 -3.54 23.62
CA VAL A 269 -36.01 -3.34 25.01
C VAL A 269 -37.24 -3.07 25.88
N LEU A 270 -38.15 -2.21 25.40
CA LEU A 270 -39.33 -1.88 26.20
C LEU A 270 -40.31 -3.03 26.29
N ALA A 271 -40.30 -3.95 25.32
CA ALA A 271 -41.23 -5.08 25.36
C ALA A 271 -40.99 -5.96 26.58
N GLY A 272 -39.72 -6.22 26.90
CA GLY A 272 -39.37 -6.99 28.07
C GLY A 272 -39.38 -8.49 27.90
N LYS A 273 -39.58 -8.99 26.69
CA LYS A 273 -39.65 -10.42 26.44
C LYS A 273 -38.30 -11.04 26.06
N SER A 274 -37.25 -10.24 25.98
CA SER A 274 -35.93 -10.72 25.62
C SER A 274 -34.89 -10.13 26.57
N LYS A 275 -33.77 -10.83 26.71
CA LYS A 275 -32.71 -10.42 27.62
C LYS A 275 -31.38 -10.37 26.87
N ILE A 276 -30.48 -9.53 27.35
CA ILE A 276 -29.15 -9.39 26.78
C ILE A 276 -28.12 -10.23 27.55
N GLU A 277 -28.43 -10.60 28.80
CA GLU A 277 -27.52 -11.43 29.59
C GLU A 277 -27.47 -12.88 29.10
N ASP A 278 -28.20 -13.20 28.04
CA ASP A 278 -28.16 -14.53 27.45
C ASP A 278 -27.05 -14.68 26.42
N TYR A 279 -26.39 -13.59 26.05
CA TYR A 279 -25.32 -13.65 25.06
C TYR A 279 -24.07 -12.92 25.55
N PHE A 280 -24.27 -11.89 26.37
CA PHE A 280 -23.17 -11.10 26.93
C PHE A 280 -23.39 -11.02 28.44
N PRO A 281 -22.92 -12.01 29.19
CA PRO A 281 -23.20 -12.04 30.63
C PRO A 281 -22.70 -10.82 31.38
N GLU A 282 -21.59 -10.22 30.94
CA GLU A 282 -21.02 -9.09 31.65
C GLU A 282 -21.95 -7.89 31.69
N PHE A 283 -22.98 -7.87 30.82
CA PHE A 283 -23.98 -6.81 30.87
C PHE A 283 -24.68 -6.73 32.21
N ALA A 284 -24.66 -7.83 32.99
CA ALA A 284 -25.29 -7.78 34.31
C ALA A 284 -24.60 -6.76 35.22
N ARG A 285 -23.32 -6.51 35.01
CA ARG A 285 -22.53 -5.65 35.90
C ARG A 285 -22.08 -4.37 35.20
N TYR A 286 -22.96 -3.78 34.39
CA TYR A 286 -22.64 -2.56 33.65
C TYR A 286 -23.59 -1.44 34.10
N THR A 287 -23.03 -0.27 34.32
CA THR A 287 -23.78 0.93 34.70
C THR A 287 -23.43 2.07 33.76
N THR A 288 -24.44 2.83 33.36
CA THR A 288 -24.23 3.95 32.47
C THR A 288 -23.36 5.00 33.16
N PRO A 289 -22.29 5.47 32.53
CA PRO A 289 -21.39 6.41 33.20
C PRO A 289 -22.10 7.72 33.56
N GLU A 290 -21.66 8.32 34.67
CA GLU A 290 -22.23 9.58 35.12
C GLU A 290 -21.92 10.73 34.16
N ASP A 291 -20.90 10.59 33.32
CA ASP A 291 -20.55 11.60 32.34
C ASP A 291 -21.30 11.43 31.03
N ALA A 292 -22.36 10.63 31.01
CA ALA A 292 -23.12 10.42 29.79
C ALA A 292 -23.98 11.64 29.48
N THR A 293 -24.34 11.78 28.21
CA THR A 293 -25.20 12.86 27.72
C THR A 293 -26.36 12.22 26.96
N PRO A 294 -27.35 11.70 27.67
CA PRO A 294 -28.46 11.03 26.99
C PRO A 294 -29.31 11.99 26.19
N GLU A 295 -29.94 11.45 25.15
CA GLU A 295 -30.91 12.23 24.39
C GLU A 295 -32.09 12.59 25.30
N PRO A 296 -32.59 13.82 25.23
CA PRO A 296 -33.73 14.21 26.07
C PRO A 296 -34.96 13.39 25.74
N GLY A 297 -35.44 12.64 26.73
CA GLY A 297 -36.65 11.86 26.61
C GLY A 297 -36.45 10.35 26.60
N GLU A 298 -35.25 9.87 26.28
CA GLU A 298 -35.03 8.43 26.26
C GLU A 298 -35.06 7.85 27.67
N ASP A 299 -35.55 6.61 27.75
CA ASP A 299 -35.56 5.89 29.01
C ASP A 299 -34.13 5.50 29.41
N PRO A 300 -33.87 5.34 30.71
CA PRO A 300 -32.52 4.91 31.12
C PRO A 300 -32.12 3.57 30.56
N ARG A 301 -33.06 2.65 30.40
CA ARG A 301 -32.73 1.31 29.92
C ARG A 301 -32.22 1.33 28.49
N VAL A 302 -32.85 2.13 27.62
CA VAL A 302 -32.40 2.23 26.24
C VAL A 302 -31.01 2.83 26.16
N THR A 303 -30.74 3.84 27.00
CA THR A 303 -29.40 4.43 27.05
C THR A 303 -28.36 3.40 27.49
N ARG A 304 -28.70 2.61 28.50
CA ARG A 304 -27.77 1.59 28.99
C ARG A 304 -27.45 0.56 27.91
N ALA A 305 -28.48 0.08 27.21
CA ALA A 305 -28.26 -0.88 26.14
C ALA A 305 -27.41 -0.27 25.02
N LYS A 306 -27.75 0.95 24.61
CA LYS A 306 -26.98 1.66 23.60
C LYS A 306 -25.51 1.71 23.96
N TYR A 307 -25.21 2.15 25.18
CA TYR A 307 -23.84 2.40 25.57
C TYR A 307 -23.06 1.10 25.68
N PHE A 308 -23.68 0.03 26.19
CA PHE A 308 -22.99 -1.26 26.21
C PHE A 308 -22.65 -1.72 24.81
N ILE A 309 -23.60 -1.63 23.89
CA ILE A 309 -23.36 -2.14 22.54
C ILE A 309 -22.26 -1.33 21.86
N ARG A 310 -22.24 -0.01 22.05
CA ARG A 310 -21.19 0.80 21.42
C ARG A 310 -19.82 0.50 22.03
N LYS A 311 -19.75 0.38 23.35
CA LYS A 311 -18.47 0.08 23.99
C LYS A 311 -17.93 -1.26 23.54
N GLU A 312 -18.81 -2.19 23.16
CA GLU A 312 -18.33 -3.48 22.64
C GLU A 312 -17.42 -3.30 21.42
N PHE A 313 -17.81 -2.45 20.47
CA PHE A 313 -16.97 -2.20 19.30
C PHE A 313 -15.80 -1.28 19.60
N VAL A 314 -15.99 -0.30 20.49
CA VAL A 314 -14.90 0.63 20.79
C VAL A 314 -13.76 -0.08 21.52
N ASP A 315 -14.07 -1.10 22.32
CA ASP A 315 -13.01 -1.87 22.97
C ASP A 315 -12.11 -2.56 21.96
N ILE A 316 -12.69 -3.19 20.93
CA ILE A 316 -11.87 -3.79 19.88
C ILE A 316 -11.10 -2.73 19.12
N SER A 317 -11.73 -1.59 18.84
CA SER A 317 -11.05 -0.53 18.11
C SER A 317 -9.81 -0.03 18.84
N THR A 318 -9.90 0.12 20.17
CA THR A 318 -8.80 0.68 20.95
C THR A 318 -7.80 -0.37 21.41
N ALA A 319 -8.20 -1.65 21.49
CA ALA A 319 -7.33 -2.68 22.05
C ALA A 319 -6.02 -2.92 21.33
N SER A 320 -6.08 -3.19 20.03
CA SER A 320 -4.87 -3.34 19.22
C SER A 320 -4.53 -1.89 18.90
N GLY A 321 -5.20 -1.32 17.91
CA GLY A 321 -4.92 0.02 17.44
C GLY A 321 -3.72 0.11 16.52
N ASP A 322 -3.35 1.33 16.15
CA ASP A 322 -2.05 1.61 15.58
C ASP A 322 -1.59 3.01 15.97
N GLY A 323 -2.54 3.86 16.35
CA GLY A 323 -2.30 5.28 16.41
C GLY A 323 -2.35 5.96 15.05
N ARG A 324 -2.63 5.21 13.99
CA ARG A 324 -2.66 5.72 12.63
C ARG A 324 -4.03 5.63 11.98
N HIS A 325 -5.05 5.14 12.68
CA HIS A 325 -6.40 5.14 12.15
C HIS A 325 -7.39 5.08 13.30
N ILE A 326 -8.61 5.55 13.04
CA ILE A 326 -9.61 5.84 14.08
C ILE A 326 -10.96 5.30 13.65
N CYS A 327 -11.83 5.03 14.64
CA CYS A 327 -13.20 4.60 14.43
C CYS A 327 -14.17 5.68 14.88
N TYR A 328 -15.18 5.96 14.05
CA TYR A 328 -16.20 6.98 14.33
C TYR A 328 -17.59 6.36 14.43
N PRO A 329 -18.16 6.20 15.63
CA PRO A 329 -19.47 5.54 15.74
C PRO A 329 -20.68 6.49 15.76
N HIS A 330 -21.79 6.05 15.14
CA HIS A 330 -23.03 6.82 15.08
C HIS A 330 -24.22 5.91 15.27
N PHE A 331 -25.32 6.47 15.78
CA PHE A 331 -26.60 5.78 15.88
C PHE A 331 -27.53 6.29 14.79
N THR A 332 -28.16 5.37 14.07
CA THR A 332 -28.89 5.71 12.85
C THR A 332 -30.18 4.91 12.79
N CYS A 333 -31.13 5.40 12.01
CA CYS A 333 -32.36 4.68 11.70
C CYS A 333 -32.61 4.81 10.20
N SER A 334 -33.81 4.43 9.76
CA SER A 334 -34.13 4.36 8.34
C SER A 334 -34.80 5.62 7.81
N VAL A 335 -34.96 6.65 8.64
CA VAL A 335 -35.58 7.90 8.22
C VAL A 335 -34.67 9.11 8.42
N ASP A 336 -33.38 8.87 8.71
CA ASP A 336 -32.46 9.97 8.93
C ASP A 336 -32.07 10.64 7.62
N THR A 337 -31.91 11.96 7.68
CA THR A 337 -31.45 12.75 6.54
C THR A 337 -30.15 13.48 6.87
N GLU A 338 -29.29 12.85 7.65
CA GLU A 338 -28.07 13.49 8.16
C GLU A 338 -26.80 12.71 7.86
N ASN A 339 -26.89 11.57 7.17
CA ASN A 339 -25.73 10.68 7.04
C ASN A 339 -24.69 11.23 6.08
N ALA A 340 -25.12 11.92 5.01
CA ALA A 340 -24.16 12.52 4.09
C ALA A 340 -23.30 13.57 4.80
N ARG A 341 -23.92 14.37 5.67
CA ARG A 341 -23.18 15.36 6.44
C ARG A 341 -22.19 14.70 7.40
N ARG A 342 -22.59 13.58 8.02
CA ARG A 342 -21.68 12.87 8.90
C ARG A 342 -20.47 12.32 8.15
N ILE A 343 -20.69 11.76 6.97
CA ILE A 343 -19.59 11.28 6.14
C ILE A 343 -18.67 12.43 5.77
N PHE A 344 -19.26 13.57 5.37
CA PHE A 344 -18.49 14.76 5.02
C PHE A 344 -17.57 15.17 6.16
N ASN A 345 -18.12 15.26 7.37
CA ASN A 345 -17.35 15.72 8.52
C ASN A 345 -16.21 14.75 8.85
N ASP A 346 -16.50 13.45 8.86
CA ASP A 346 -15.47 12.48 9.22
C ASP A 346 -14.36 12.46 8.19
N CYS A 347 -14.69 12.60 6.90
CA CYS A 347 -13.64 12.64 5.89
C CYS A 347 -12.80 13.91 6.00
N LYS A 348 -13.43 15.03 6.36
CA LYS A 348 -12.67 16.24 6.65
C LYS A 348 -11.64 15.99 7.75
N ASP A 349 -12.06 15.32 8.83
CA ASP A 349 -11.13 15.04 9.92
C ASP A 349 -10.02 14.10 9.48
N ILE A 350 -10.35 13.09 8.67
CA ILE A 350 -9.34 12.13 8.21
C ILE A 350 -8.26 12.85 7.39
N ILE A 351 -8.69 13.70 6.47
CA ILE A 351 -7.72 14.41 5.62
C ILE A 351 -6.89 15.39 6.46
N LEU A 352 -7.51 16.03 7.46
CA LEU A 352 -6.74 16.89 8.35
C LEU A 352 -5.66 16.12 9.10
N GLN A 353 -5.99 14.92 9.60
CA GLN A 353 -5.01 14.13 10.33
C GLN A 353 -3.87 13.70 9.42
N MET A 354 -4.18 13.31 8.18
CA MET A 354 -3.13 12.95 7.24
C MET A 354 -2.22 14.13 6.94
N ASN A 355 -2.80 15.33 6.79
CA ASN A 355 -1.99 16.53 6.58
C ASN A 355 -1.07 16.79 7.75
N LEU A 356 -1.59 16.68 8.98
CA LEU A 356 -0.75 16.91 10.15
C LEU A 356 0.38 15.89 10.22
N ARG A 357 0.10 14.63 9.86
CA ARG A 357 1.17 13.63 9.84
C ARG A 357 2.22 13.93 8.79
N GLU A 358 1.82 14.45 7.62
CA GLU A 358 2.83 14.70 6.58
C GLU A 358 3.64 15.96 6.87
N TYR A 359 3.08 16.93 7.58
CA TYR A 359 3.84 18.12 7.98
C TYR A 359 4.58 17.94 9.30
N ASN A 360 4.56 16.74 9.88
CA ASN A 360 5.33 16.41 11.08
C ASN A 360 4.96 17.33 12.25
N LEU A 361 3.68 17.26 12.64
CA LEU A 361 3.18 18.00 13.79
C LEU A 361 2.48 17.12 14.80
N VAL A 362 2.22 15.85 14.49
CA VAL A 362 1.54 14.94 15.40
C VAL A 362 1.74 13.50 14.95
N GLU B 8 -24.23 -45.21 3.20
CA GLU B 8 -24.02 -45.09 1.76
C GLU B 8 -22.85 -44.17 1.45
N LEU B 9 -22.79 -43.04 2.17
CA LEU B 9 -21.68 -42.11 2.00
C LEU B 9 -20.39 -42.65 2.61
N ASP B 10 -20.49 -43.39 3.71
CA ASP B 10 -19.29 -43.91 4.37
C ASP B 10 -18.56 -44.90 3.48
N GLN B 11 -19.29 -45.72 2.74
CA GLN B 11 -18.65 -46.67 1.82
C GLN B 11 -17.86 -45.94 0.75
N LEU B 12 -18.41 -44.86 0.20
CA LEU B 12 -17.71 -44.11 -0.83
C LEU B 12 -16.49 -43.38 -0.25
N ARG B 13 -16.62 -42.86 0.97
CA ARG B 13 -15.46 -42.25 1.62
C ARG B 13 -14.35 -43.27 1.84
N GLN B 14 -14.72 -44.48 2.27
CA GLN B 14 -13.73 -45.54 2.43
C GLN B 14 -13.07 -45.88 1.10
N GLU B 15 -13.87 -46.01 0.03
CA GLU B 15 -13.33 -46.30 -1.28
C GLU B 15 -12.32 -45.25 -1.72
N ALA B 16 -12.65 -43.98 -1.50
CA ALA B 16 -11.70 -42.90 -1.78
C ALA B 16 -10.43 -43.08 -0.96
N GLU B 17 -10.57 -43.52 0.29
CA GLU B 17 -9.39 -43.74 1.13
C GLU B 17 -8.47 -44.81 0.57
N GLN B 18 -9.03 -45.98 0.20
CA GLN B 18 -8.15 -47.02 -0.35
C GLN B 18 -7.55 -46.60 -1.68
N LEU B 19 -8.31 -45.88 -2.52
CA LEU B 19 -7.75 -45.42 -3.78
C LEU B 19 -6.59 -44.47 -3.55
N LYS B 20 -6.73 -43.54 -2.59
CA LYS B 20 -5.63 -42.63 -2.28
C LYS B 20 -4.42 -43.38 -1.76
N ASN B 21 -4.63 -44.39 -0.90
CA ASN B 21 -3.50 -45.16 -0.39
C ASN B 21 -2.79 -45.92 -1.51
N GLN B 22 -3.56 -46.51 -2.44
CA GLN B 22 -2.96 -47.19 -3.57
C GLN B 22 -2.12 -46.24 -4.42
N ILE B 23 -2.65 -45.03 -4.67
CA ILE B 23 -1.91 -44.04 -5.45
C ILE B 23 -0.61 -43.67 -4.74
N ARG B 24 -0.69 -43.44 -3.42
CA ARG B 24 0.51 -43.04 -2.68
C ARG B 24 1.56 -44.13 -2.68
N ASP B 25 1.15 -45.39 -2.49
CA ASP B 25 2.10 -46.49 -2.51
C ASP B 25 2.76 -46.63 -3.87
N ALA B 26 1.95 -46.60 -4.95
CA ALA B 26 2.51 -46.71 -6.28
C ALA B 26 3.44 -45.56 -6.61
N ARG B 27 3.15 -44.36 -6.08
CA ARG B 27 4.01 -43.21 -6.31
C ARG B 27 5.33 -43.32 -5.57
N LYS B 28 5.29 -43.80 -4.31
CA LYS B 28 6.52 -44.01 -3.56
C LYS B 28 7.35 -45.15 -4.12
N ALA B 29 6.73 -46.09 -4.82
CA ALA B 29 7.46 -47.23 -5.37
C ALA B 29 8.44 -46.84 -6.47
N CYS B 30 8.38 -45.62 -6.99
CA CYS B 30 9.24 -45.20 -8.10
C CYS B 30 10.38 -44.28 -7.67
N ALA B 31 10.38 -43.77 -6.45
CA ALA B 31 11.40 -42.83 -6.00
C ALA B 31 12.61 -43.60 -5.48
N ASP B 32 13.63 -43.72 -6.32
CA ASP B 32 14.85 -44.42 -5.94
C ASP B 32 16.02 -43.49 -5.64
N ALA B 33 16.06 -42.30 -6.26
CA ALA B 33 17.09 -41.31 -5.99
C ALA B 33 16.44 -39.94 -5.91
N THR B 34 17.26 -38.92 -5.69
CA THR B 34 16.80 -37.54 -5.64
C THR B 34 17.55 -36.73 -6.69
N LEU B 35 16.96 -35.58 -7.04
CA LEU B 35 17.64 -34.65 -7.93
C LEU B 35 18.93 -34.12 -7.30
N SER B 36 18.93 -33.94 -5.97
CA SER B 36 20.10 -33.40 -5.29
C SER B 36 21.31 -34.32 -5.39
N GLN B 37 21.11 -35.63 -5.26
CA GLN B 37 22.23 -36.57 -5.30
C GLN B 37 22.75 -36.80 -6.72
N ILE B 38 22.01 -36.41 -7.74
CA ILE B 38 22.45 -36.62 -9.12
C ILE B 38 23.15 -35.40 -9.71
N THR B 39 22.90 -34.21 -9.17
CA THR B 39 23.56 -32.98 -9.62
C THR B 39 24.65 -32.53 -8.67
N ASN B 40 25.09 -33.42 -7.76
CA ASN B 40 26.05 -33.06 -6.74
C ASN B 40 27.44 -32.78 -7.29
N ASN B 41 27.69 -33.09 -8.56
CA ASN B 41 29.03 -33.02 -9.15
C ASN B 41 29.02 -32.16 -10.41
N ILE B 42 28.43 -30.97 -10.32
CA ILE B 42 28.47 -30.02 -11.43
C ILE B 42 28.94 -28.67 -10.90
N ASP B 43 29.51 -27.87 -11.79
CA ASP B 43 30.04 -26.57 -11.42
C ASP B 43 28.91 -25.57 -11.24
N PRO B 44 28.88 -24.83 -10.14
CA PRO B 44 27.80 -23.86 -9.93
C PRO B 44 27.90 -22.68 -10.88
N VAL B 45 26.85 -21.84 -10.84
CA VAL B 45 26.79 -20.69 -11.72
C VAL B 45 27.49 -19.46 -11.15
N GLY B 46 27.71 -19.41 -9.84
CA GLY B 46 28.40 -18.29 -9.23
C GLY B 46 27.46 -17.19 -8.77
N ARG B 47 27.96 -15.95 -8.75
CA ARG B 47 27.18 -14.80 -8.33
C ARG B 47 26.76 -14.01 -9.57
N ILE B 48 25.53 -13.49 -9.54
CA ILE B 48 24.89 -12.91 -10.72
C ILE B 48 24.46 -11.48 -10.47
N GLN B 49 25.07 -10.53 -11.19
CA GLN B 49 24.73 -9.12 -11.09
C GLN B 49 23.83 -8.71 -12.25
N MET B 50 22.81 -7.93 -11.94
CA MET B 50 21.95 -7.33 -12.95
C MET B 50 21.76 -5.85 -12.63
N ARG B 51 21.51 -5.05 -13.65
CA ARG B 51 21.44 -3.61 -13.53
C ARG B 51 20.17 -3.07 -14.18
N THR B 52 19.66 -1.99 -13.61
CA THR B 52 18.46 -1.34 -14.14
C THR B 52 18.84 -0.51 -15.35
N ARG B 53 18.10 -0.70 -16.45
CA ARG B 53 18.35 0.02 -17.69
C ARG B 53 17.30 1.08 -18.00
N ARG B 54 16.03 0.81 -17.70
CA ARG B 54 14.95 1.74 -17.96
C ARG B 54 14.03 1.84 -16.75
N THR B 55 13.38 2.99 -16.61
CA THR B 55 12.27 3.16 -15.68
C THR B 55 11.12 3.79 -16.44
N LEU B 56 9.94 3.17 -16.38
CA LEU B 56 8.78 3.61 -17.13
C LEU B 56 7.80 4.28 -16.17
N ARG B 57 7.51 5.55 -16.41
CA ARG B 57 6.66 6.36 -15.54
C ARG B 57 5.40 6.77 -16.28
N GLY B 58 4.32 6.94 -15.53
CA GLY B 58 3.06 7.35 -16.14
C GLY B 58 1.78 6.81 -15.55
N HIS B 59 1.84 5.72 -14.78
CA HIS B 59 0.64 5.26 -14.10
C HIS B 59 0.41 6.07 -12.83
N LEU B 60 -0.82 5.98 -12.31
CA LEU B 60 -1.24 6.77 -11.17
C LEU B 60 -1.41 5.97 -9.88
N ALA B 61 -1.52 4.65 -9.96
CA ALA B 61 -1.82 3.82 -8.80
C ALA B 61 -1.12 2.48 -8.97
N LYS B 62 -1.57 1.49 -8.20
CA LYS B 62 -1.00 0.16 -8.25
C LYS B 62 -0.99 -0.40 -9.66
N ILE B 63 -0.06 -1.32 -9.92
CA ILE B 63 0.02 -2.05 -11.18
C ILE B 63 -0.24 -3.51 -10.87
N TYR B 64 -1.20 -4.11 -11.58
CA TYR B 64 -1.45 -5.52 -11.30
C TYR B 64 -0.87 -6.50 -12.31
N ALA B 65 -0.76 -6.13 -13.59
CA ALA B 65 -0.41 -7.15 -14.58
C ALA B 65 0.52 -6.55 -15.63
N MET B 66 1.21 -7.45 -16.34
CA MET B 66 2.00 -7.12 -17.51
C MET B 66 2.05 -8.32 -18.44
N HIS B 67 2.48 -8.09 -19.67
CA HIS B 67 2.70 -9.16 -20.63
C HIS B 67 3.55 -8.65 -21.79
N TRP B 68 4.61 -9.37 -22.11
CA TRP B 68 5.48 -9.00 -23.22
C TRP B 68 4.82 -9.35 -24.55
N GLY B 69 5.24 -8.66 -25.60
CA GLY B 69 4.90 -9.06 -26.95
C GLY B 69 5.86 -10.11 -27.49
N THR B 70 5.49 -10.72 -28.61
CA THR B 70 6.31 -11.77 -29.19
C THR B 70 7.51 -11.24 -29.96
N ASP B 71 7.58 -9.93 -30.22
CA ASP B 71 8.75 -9.34 -30.86
C ASP B 71 9.83 -8.95 -29.87
N SER B 72 9.56 -9.09 -28.56
CA SER B 72 10.51 -8.75 -27.50
C SER B 72 10.84 -7.26 -27.46
N ARG B 73 9.90 -6.42 -27.86
CA ARG B 73 10.08 -4.98 -27.83
C ARG B 73 8.94 -4.23 -27.17
N LEU B 74 7.70 -4.69 -27.32
CA LEU B 74 6.51 -3.95 -26.93
C LEU B 74 5.86 -4.55 -25.70
N LEU B 75 5.33 -3.69 -24.83
CA LEU B 75 4.72 -4.10 -23.57
C LEU B 75 3.30 -3.57 -23.45
N VAL B 76 2.50 -4.28 -22.65
CA VAL B 76 1.20 -3.80 -22.21
C VAL B 76 1.14 -3.94 -20.70
N SER B 77 0.62 -2.92 -20.01
CA SER B 77 0.54 -2.92 -18.55
C SER B 77 -0.81 -2.35 -18.12
N ALA B 78 -1.28 -2.82 -16.96
CA ALA B 78 -2.61 -2.51 -16.43
C ALA B 78 -2.52 -1.98 -15.01
N SER B 79 -3.12 -0.81 -14.77
CA SER B 79 -3.18 -0.25 -13.43
C SER B 79 -4.63 -0.03 -13.01
N GLN B 80 -4.82 0.25 -11.72
CA GLN B 80 -6.18 0.43 -11.18
C GLN B 80 -6.63 1.86 -11.13
N ASP B 81 -5.89 2.81 -11.70
CA ASP B 81 -6.50 4.09 -12.03
C ASP B 81 -7.51 3.92 -13.14
N GLY B 82 -7.47 2.82 -13.88
CA GLY B 82 -8.40 2.54 -14.95
C GLY B 82 -7.76 2.63 -16.32
N LYS B 83 -6.48 2.27 -16.43
CA LYS B 83 -5.73 2.46 -17.67
C LYS B 83 -4.99 1.19 -18.08
N LEU B 84 -4.94 1.00 -19.40
CA LEU B 84 -3.99 0.11 -20.06
C LEU B 84 -3.03 0.94 -20.88
N ILE B 85 -1.73 0.75 -20.68
CA ILE B 85 -0.73 1.49 -21.45
C ILE B 85 0.12 0.50 -22.23
N ILE B 86 0.35 0.80 -23.51
CA ILE B 86 1.20 0.01 -24.38
C ILE B 86 2.44 0.82 -24.71
N TRP B 87 3.60 0.26 -24.35
CA TRP B 87 4.90 0.92 -24.35
C TRP B 87 5.83 0.33 -25.41
N ASP B 88 6.74 1.18 -25.89
CA ASP B 88 7.91 0.78 -26.64
C ASP B 88 9.11 0.81 -25.69
N SER B 89 9.83 -0.30 -25.58
CA SER B 89 10.84 -0.45 -24.53
C SER B 89 12.23 0.01 -24.93
N TYR B 90 12.57 0.02 -26.22
CA TYR B 90 13.89 0.52 -26.61
C TYR B 90 14.01 2.02 -26.41
N THR B 91 12.93 2.76 -26.64
CA THR B 91 12.94 4.22 -26.61
C THR B 91 12.13 4.84 -25.49
N THR B 92 11.41 4.04 -24.70
CA THR B 92 10.53 4.49 -23.61
C THR B 92 9.38 5.37 -24.10
N ASN B 93 9.04 5.29 -25.38
CA ASN B 93 7.88 6.01 -25.89
C ASN B 93 6.60 5.33 -25.45
N LYS B 94 5.50 6.07 -25.55
CA LYS B 94 4.17 5.52 -25.35
C LYS B 94 3.50 5.38 -26.70
N VAL B 95 2.98 4.18 -26.99
CA VAL B 95 2.27 3.94 -28.23
C VAL B 95 0.77 4.01 -28.03
N HIS B 96 0.24 3.47 -26.93
CA HIS B 96 -1.20 3.49 -26.74
C HIS B 96 -1.57 3.73 -25.28
N ALA B 97 -2.73 4.35 -25.08
CA ALA B 97 -3.34 4.51 -23.75
C ALA B 97 -4.83 4.30 -23.89
N ILE B 98 -5.37 3.32 -23.16
CA ILE B 98 -6.75 2.87 -23.31
C ILE B 98 -7.47 3.03 -21.97
N PRO B 99 -8.58 3.79 -21.92
CA PRO B 99 -9.36 3.91 -20.68
C PRO B 99 -10.39 2.79 -20.56
N LEU B 100 -10.53 2.25 -19.35
CA LEU B 100 -11.40 1.12 -19.10
C LEU B 100 -12.70 1.57 -18.45
N ARG B 101 -13.76 0.79 -18.68
CA ARG B 101 -15.08 1.15 -18.15
C ARG B 101 -15.18 0.89 -16.65
N SER B 102 -14.53 -0.15 -16.15
CA SER B 102 -14.44 -0.42 -14.72
C SER B 102 -12.97 -0.42 -14.31
N SER B 103 -12.67 0.21 -13.18
CA SER B 103 -11.29 0.45 -12.80
C SER B 103 -10.70 -0.63 -11.90
N TRP B 104 -11.46 -1.68 -11.58
CA TRP B 104 -10.96 -2.75 -10.72
C TRP B 104 -10.48 -3.92 -11.58
N VAL B 105 -9.41 -3.67 -12.32
CA VAL B 105 -8.85 -4.61 -13.28
C VAL B 105 -7.79 -5.46 -12.59
N MET B 106 -7.62 -6.70 -13.03
CA MET B 106 -6.72 -7.64 -12.38
C MET B 106 -5.88 -8.50 -13.31
N THR B 107 -6.05 -8.40 -14.63
CA THR B 107 -5.26 -9.23 -15.54
C THR B 107 -5.26 -8.60 -16.92
N CYS B 108 -4.26 -8.98 -17.72
CA CYS B 108 -4.16 -8.52 -19.10
C CYS B 108 -3.31 -9.50 -19.90
N ALA B 109 -3.48 -9.46 -21.22
CA ALA B 109 -2.75 -10.35 -22.10
C ALA B 109 -2.56 -9.69 -23.46
N TYR B 110 -1.59 -10.20 -24.22
CA TYR B 110 -1.22 -9.65 -25.52
C TYR B 110 -1.38 -10.76 -26.55
N ALA B 111 -2.02 -10.46 -27.67
CA ALA B 111 -2.25 -11.49 -28.68
C ALA B 111 -0.95 -11.87 -29.37
N PRO B 112 -0.74 -13.16 -29.67
CA PRO B 112 0.52 -13.58 -30.31
C PRO B 112 0.73 -13.00 -31.70
N SER B 113 -0.33 -12.57 -32.38
CA SER B 113 -0.19 -11.92 -33.68
C SER B 113 -0.06 -10.41 -33.58
N GLY B 114 -0.23 -9.84 -32.39
CA GLY B 114 -0.05 -8.41 -32.20
C GLY B 114 -1.25 -7.55 -32.58
N ASN B 115 -2.43 -8.14 -32.71
CA ASN B 115 -3.59 -7.41 -33.20
C ASN B 115 -4.63 -7.10 -32.14
N TYR B 116 -4.62 -7.79 -31.00
CA TYR B 116 -5.65 -7.64 -29.99
C TYR B 116 -5.03 -7.63 -28.61
N VAL B 117 -5.76 -7.06 -27.65
CA VAL B 117 -5.43 -7.18 -26.24
C VAL B 117 -6.72 -7.51 -25.48
N ALA B 118 -6.54 -7.96 -24.23
CA ALA B 118 -7.67 -8.39 -23.42
C ALA B 118 -7.44 -8.02 -21.97
N CYS B 119 -8.53 -7.91 -21.21
CA CYS B 119 -8.45 -7.56 -19.80
C CYS B 119 -9.71 -8.01 -19.07
N GLY B 120 -9.68 -7.91 -17.75
CA GLY B 120 -10.80 -8.33 -16.92
C GLY B 120 -10.51 -8.03 -15.47
N GLY B 121 -11.53 -8.24 -14.63
CA GLY B 121 -11.40 -7.92 -13.22
C GLY B 121 -12.60 -8.24 -12.35
N LEU B 122 -12.99 -7.30 -11.48
CA LEU B 122 -14.06 -7.52 -10.51
C LEU B 122 -15.45 -7.43 -11.11
N ASP B 123 -15.58 -7.09 -12.40
CA ASP B 123 -16.88 -7.03 -13.05
C ASP B 123 -17.30 -8.35 -13.69
N ASN B 124 -16.46 -9.38 -13.62
CA ASN B 124 -16.74 -10.72 -14.14
C ASN B 124 -16.88 -10.76 -15.66
N ILE B 125 -16.24 -9.85 -16.39
CA ILE B 125 -16.35 -9.78 -17.84
C ILE B 125 -14.96 -9.72 -18.43
N CYS B 126 -14.74 -10.42 -19.54
CA CYS B 126 -13.47 -10.37 -20.26
C CYS B 126 -13.64 -9.52 -21.51
N SER B 127 -12.90 -8.42 -21.58
CA SER B 127 -13.04 -7.45 -22.67
C SER B 127 -11.87 -7.56 -23.64
N ILE B 128 -12.16 -7.43 -24.93
CA ILE B 128 -11.21 -7.67 -26.00
C ILE B 128 -11.19 -6.43 -26.91
N TYR B 129 -10.00 -5.87 -27.09
CA TYR B 129 -9.76 -4.62 -27.82
C TYR B 129 -8.97 -4.89 -29.08
N ASN B 130 -9.37 -4.24 -30.17
CA ASN B 130 -8.73 -4.36 -31.48
C ASN B 130 -7.81 -3.16 -31.69
N LEU B 131 -6.54 -3.42 -31.95
CA LEU B 131 -5.53 -2.37 -32.07
C LEU B 131 -5.33 -1.87 -33.49
N LYS B 132 -5.59 -2.70 -34.50
CA LYS B 132 -5.31 -2.36 -35.90
C LYS B 132 -6.64 -2.15 -36.61
N THR B 133 -7.15 -0.93 -36.55
CA THR B 133 -8.38 -0.58 -37.24
C THR B 133 -8.09 0.26 -38.48
N VAL B 138 -9.08 3.02 -31.18
CA VAL B 138 -9.16 1.73 -30.51
C VAL B 138 -10.50 1.60 -29.80
N ARG B 139 -11.36 0.71 -30.30
CA ARG B 139 -12.69 0.50 -29.76
C ARG B 139 -12.80 -0.90 -29.18
N VAL B 140 -13.76 -1.07 -28.26
CA VAL B 140 -13.96 -2.35 -27.60
C VAL B 140 -14.52 -3.32 -28.63
N SER B 141 -13.70 -4.30 -29.04
CA SER B 141 -14.15 -5.25 -30.05
C SER B 141 -15.25 -6.15 -29.51
N ARG B 142 -15.06 -6.70 -28.31
CA ARG B 142 -16.07 -7.62 -27.79
C ARG B 142 -15.97 -7.75 -26.28
N GLU B 143 -17.06 -8.24 -25.68
CA GLU B 143 -17.14 -8.53 -24.26
C GLU B 143 -17.67 -9.94 -24.06
N LEU B 144 -17.04 -10.68 -23.14
CA LEU B 144 -17.40 -12.06 -22.84
C LEU B 144 -17.95 -12.13 -21.41
N ALA B 145 -19.18 -12.60 -21.28
CA ALA B 145 -19.90 -12.64 -20.02
C ALA B 145 -20.43 -14.05 -19.78
N GLY B 146 -20.54 -14.43 -18.51
CA GLY B 146 -20.98 -15.77 -18.16
C GLY B 146 -20.35 -16.37 -16.92
N HIS B 147 -19.19 -15.86 -16.50
CA HIS B 147 -18.64 -16.26 -15.21
C HIS B 147 -19.43 -15.60 -14.09
N THR B 148 -19.37 -16.22 -12.90
CA THR B 148 -20.07 -15.70 -11.73
C THR B 148 -19.12 -15.24 -10.63
N GLY B 149 -17.83 -15.06 -10.96
CA GLY B 149 -16.88 -14.54 -10.00
C GLY B 149 -15.83 -13.73 -10.75
N TYR B 150 -14.97 -13.07 -9.99
CA TYR B 150 -13.99 -12.18 -10.59
C TYR B 150 -13.02 -12.94 -11.48
N LEU B 151 -12.64 -12.33 -12.59
CA LEU B 151 -11.69 -12.91 -13.53
C LEU B 151 -10.27 -12.71 -13.04
N SER B 152 -9.49 -13.78 -12.95
CA SER B 152 -8.14 -13.68 -12.38
C SER B 152 -7.02 -13.93 -13.37
N CYS B 153 -7.28 -14.53 -14.53
CA CYS B 153 -6.25 -14.74 -15.53
C CYS B 153 -6.90 -15.01 -16.87
N CYS B 154 -6.11 -14.88 -17.94
CA CYS B 154 -6.56 -15.15 -19.31
C CYS B 154 -5.36 -15.17 -20.23
N ARG B 155 -5.40 -16.04 -21.23
CA ARG B 155 -4.33 -16.19 -22.21
C ARG B 155 -4.91 -16.51 -23.58
N PHE B 156 -4.33 -15.93 -24.62
CA PHE B 156 -4.76 -16.20 -26.00
C PHE B 156 -4.19 -17.53 -26.49
N LEU B 157 -4.97 -18.22 -27.31
CA LEU B 157 -4.51 -19.38 -28.07
C LEU B 157 -4.25 -19.06 -29.53
N ASP B 158 -5.18 -18.35 -30.16
CA ASP B 158 -5.00 -17.74 -31.47
C ASP B 158 -5.89 -16.49 -31.48
N ASP B 159 -6.18 -15.99 -32.67
CA ASP B 159 -7.01 -14.79 -32.79
C ASP B 159 -8.49 -15.07 -32.64
N ASN B 160 -8.89 -16.30 -32.33
CA ASN B 160 -10.31 -16.62 -32.19
C ASN B 160 -10.62 -17.53 -31.01
N GLN B 161 -9.65 -17.83 -30.14
CA GLN B 161 -9.88 -18.67 -28.97
C GLN B 161 -9.22 -18.02 -27.77
N ILE B 162 -9.81 -18.22 -26.59
CA ILE B 162 -9.20 -17.70 -25.37
C ILE B 162 -9.59 -18.59 -24.19
N VAL B 163 -8.73 -18.64 -23.18
CA VAL B 163 -8.92 -19.46 -21.97
C VAL B 163 -8.87 -18.54 -20.75
N THR B 164 -9.87 -18.64 -19.89
CA THR B 164 -10.00 -17.76 -18.74
C THR B 164 -10.17 -18.57 -17.44
N SER B 165 -9.69 -18.00 -16.34
CA SER B 165 -9.85 -18.56 -15.01
C SER B 165 -10.53 -17.55 -14.10
N SER B 166 -11.41 -18.04 -13.24
CA SER B 166 -12.31 -17.21 -12.46
C SER B 166 -12.14 -17.54 -10.98
N GLY B 167 -12.70 -16.68 -10.15
CA GLY B 167 -12.84 -16.94 -8.74
C GLY B 167 -14.19 -17.55 -8.38
N ASP B 168 -14.73 -18.37 -9.27
CA ASP B 168 -15.88 -19.21 -8.98
C ASP B 168 -15.56 -20.68 -9.12
N THR B 169 -14.26 -21.04 -9.11
CA THR B 169 -13.72 -22.40 -9.09
C THR B 169 -13.81 -23.12 -10.42
N THR B 170 -13.95 -22.43 -11.55
CA THR B 170 -14.02 -23.06 -12.85
C THR B 170 -13.13 -22.34 -13.85
N CYS B 171 -12.74 -23.07 -14.90
CA CYS B 171 -12.03 -22.52 -16.05
C CYS B 171 -12.94 -22.59 -17.28
N ALA B 172 -12.67 -21.73 -18.26
CA ALA B 172 -13.53 -21.71 -19.44
C ALA B 172 -12.71 -21.47 -20.70
N LEU B 173 -13.18 -22.05 -21.80
CA LEU B 173 -12.62 -21.84 -23.12
C LEU B 173 -13.69 -21.24 -24.02
N TRP B 174 -13.36 -20.10 -24.63
CA TRP B 174 -14.29 -19.27 -25.38
C TRP B 174 -13.88 -19.17 -26.83
N ASP B 175 -14.88 -19.25 -27.71
CA ASP B 175 -14.78 -18.85 -29.10
C ASP B 175 -15.28 -17.42 -29.25
N ILE B 176 -14.48 -16.56 -29.86
CA ILE B 176 -14.70 -15.12 -29.77
C ILE B 176 -15.74 -14.64 -30.78
N GLU B 177 -15.66 -15.08 -32.04
CA GLU B 177 -16.54 -14.55 -33.07
C GLU B 177 -18.02 -14.79 -32.73
N THR B 178 -18.35 -16.02 -32.32
CA THR B 178 -19.71 -16.30 -31.91
C THR B 178 -20.00 -15.78 -30.50
N GLY B 179 -18.97 -15.63 -29.67
CA GLY B 179 -19.16 -15.14 -28.32
C GLY B 179 -19.72 -16.14 -27.34
N GLN B 180 -19.58 -17.43 -27.61
CA GLN B 180 -20.17 -18.47 -26.78
C GLN B 180 -19.08 -19.24 -26.04
N GLN B 181 -19.34 -19.52 -24.76
CA GLN B 181 -18.45 -20.34 -23.94
C GLN B 181 -18.50 -21.78 -24.45
N THR B 182 -17.42 -22.23 -25.09
CA THR B 182 -17.44 -23.50 -25.78
C THR B 182 -16.98 -24.67 -24.93
N THR B 183 -16.25 -24.45 -23.83
CA THR B 183 -15.90 -25.55 -22.96
C THR B 183 -15.71 -25.06 -21.53
N THR B 184 -15.97 -25.94 -20.56
CA THR B 184 -15.85 -25.63 -19.14
C THR B 184 -15.05 -26.70 -18.43
N PHE B 185 -14.12 -26.27 -17.58
CA PHE B 185 -13.23 -27.16 -16.83
C PHE B 185 -13.53 -27.01 -15.34
N THR B 186 -14.13 -28.04 -14.75
CA THR B 186 -14.48 -28.06 -13.35
C THR B 186 -13.73 -29.18 -12.63
N GLY B 187 -13.63 -29.06 -11.31
CA GLY B 187 -12.92 -30.02 -10.49
C GLY B 187 -12.19 -29.42 -9.31
N HIS B 188 -11.91 -28.12 -9.38
CA HIS B 188 -11.29 -27.42 -8.25
C HIS B 188 -12.34 -27.19 -7.16
N THR B 189 -11.87 -26.75 -5.99
CA THR B 189 -12.75 -26.41 -4.89
C THR B 189 -12.48 -25.03 -4.30
N GLY B 190 -11.57 -24.26 -4.88
CA GLY B 190 -11.29 -22.92 -4.43
C GLY B 190 -11.05 -21.98 -5.59
N ASP B 191 -10.65 -20.75 -5.32
CA ASP B 191 -10.45 -19.77 -6.37
C ASP B 191 -9.24 -20.14 -7.21
N VAL B 192 -9.43 -20.24 -8.53
CA VAL B 192 -8.33 -20.49 -9.44
C VAL B 192 -7.56 -19.20 -9.65
N MET B 193 -6.24 -19.24 -9.44
CA MET B 193 -5.47 -17.99 -9.39
C MET B 193 -4.47 -17.80 -10.52
N SER B 194 -4.12 -18.85 -11.26
CA SER B 194 -3.12 -18.68 -12.32
C SER B 194 -3.25 -19.80 -13.34
N LEU B 195 -2.79 -19.50 -14.56
CA LEU B 195 -2.75 -20.45 -15.67
C LEU B 195 -1.37 -20.42 -16.31
N SER B 196 -1.15 -21.38 -17.20
CA SER B 196 0.05 -21.44 -18.03
C SER B 196 -0.20 -22.40 -19.18
N LEU B 197 0.22 -22.03 -20.39
CA LEU B 197 0.02 -22.84 -21.58
C LEU B 197 1.28 -23.61 -21.92
N ALA B 198 1.11 -24.87 -22.29
CA ALA B 198 2.24 -25.70 -22.68
C ALA B 198 2.80 -25.23 -24.03
N PRO B 199 4.08 -25.46 -24.29
CA PRO B 199 4.67 -25.02 -25.56
C PRO B 199 4.01 -25.61 -26.79
N ASP B 200 3.43 -26.81 -26.71
CA ASP B 200 2.72 -27.38 -27.85
C ASP B 200 1.27 -26.92 -27.93
N THR B 201 0.78 -26.24 -26.89
CA THR B 201 -0.59 -25.69 -26.84
C THR B 201 -1.62 -26.80 -27.07
N ARG B 202 -1.49 -27.86 -26.28
CA ARG B 202 -2.48 -28.92 -26.22
C ARG B 202 -2.80 -29.35 -24.80
N LEU B 203 -2.17 -28.73 -23.80
CA LEU B 203 -2.41 -29.01 -22.39
C LEU B 203 -2.23 -27.70 -21.64
N PHE B 204 -2.73 -27.66 -20.41
CA PHE B 204 -2.39 -26.51 -19.56
C PHE B 204 -2.56 -26.89 -18.09
N VAL B 205 -1.87 -26.16 -17.23
CA VAL B 205 -1.92 -26.39 -15.78
C VAL B 205 -2.57 -25.19 -15.09
N SER B 206 -3.28 -25.48 -14.01
CA SER B 206 -3.91 -24.45 -13.21
C SER B 206 -3.66 -24.71 -11.73
N GLY B 207 -3.70 -23.65 -10.94
CA GLY B 207 -3.50 -23.75 -9.50
C GLY B 207 -4.51 -22.90 -8.77
N ALA B 208 -4.86 -23.33 -7.56
CA ALA B 208 -5.97 -22.72 -6.84
C ALA B 208 -5.69 -22.47 -5.37
N CYS B 209 -6.72 -22.07 -4.63
CA CYS B 209 -6.63 -21.78 -3.20
C CYS B 209 -6.93 -22.99 -2.32
N ASP B 210 -7.07 -24.17 -2.92
CA ASP B 210 -7.16 -25.41 -2.17
C ASP B 210 -5.81 -26.09 -2.01
N ALA B 211 -4.73 -25.44 -2.47
CA ALA B 211 -3.35 -25.96 -2.38
C ALA B 211 -3.16 -27.22 -3.23
N SER B 212 -3.54 -27.14 -4.50
CA SER B 212 -3.27 -28.22 -5.44
C SER B 212 -3.21 -27.65 -6.85
N ALA B 213 -2.65 -28.44 -7.76
CA ALA B 213 -2.53 -28.04 -9.15
C ALA B 213 -3.03 -29.15 -10.05
N LYS B 214 -3.58 -28.78 -11.21
CA LYS B 214 -4.21 -29.75 -12.09
C LYS B 214 -3.75 -29.57 -13.53
N LEU B 215 -3.70 -30.70 -14.25
CA LEU B 215 -3.32 -30.72 -15.67
C LEU B 215 -4.53 -31.06 -16.51
N TRP B 216 -4.84 -30.21 -17.49
CA TRP B 216 -6.06 -30.28 -18.29
C TRP B 216 -5.74 -30.45 -19.76
N ASP B 217 -6.54 -31.27 -20.43
CA ASP B 217 -6.51 -31.46 -21.88
C ASP B 217 -7.49 -30.52 -22.54
N VAL B 218 -6.99 -29.69 -23.46
CA VAL B 218 -7.83 -28.67 -24.09
C VAL B 218 -8.85 -29.30 -25.03
N ARG B 219 -8.43 -30.29 -25.82
CA ARG B 219 -9.29 -30.83 -26.87
C ARG B 219 -10.39 -31.74 -26.35
N GLU B 220 -10.33 -32.16 -25.09
CA GLU B 220 -11.31 -33.08 -24.53
C GLU B 220 -12.16 -32.47 -23.44
N GLY B 221 -11.54 -31.84 -22.45
CA GLY B 221 -12.25 -31.24 -21.35
C GLY B 221 -12.18 -32.01 -20.04
N MET B 222 -11.14 -32.82 -19.84
CA MET B 222 -11.01 -33.67 -18.67
C MET B 222 -9.64 -33.47 -18.03
N CYS B 223 -9.58 -33.70 -16.73
CA CYS B 223 -8.34 -33.57 -15.99
C CYS B 223 -7.49 -34.82 -16.14
N ARG B 224 -6.20 -34.61 -16.36
CA ARG B 224 -5.22 -35.69 -16.46
C ARG B 224 -4.62 -36.07 -15.11
N GLN B 225 -4.11 -35.09 -14.37
CA GLN B 225 -3.35 -35.37 -13.16
C GLN B 225 -3.54 -34.26 -12.14
N THR B 226 -3.37 -34.63 -10.86
CA THR B 226 -3.44 -33.73 -9.73
C THR B 226 -2.12 -33.77 -8.96
N PHE B 227 -1.66 -32.61 -8.50
CA PHE B 227 -0.39 -32.49 -7.79
C PHE B 227 -0.61 -31.75 -6.48
N THR B 228 -0.06 -32.29 -5.40
CA THR B 228 -0.19 -31.73 -4.06
C THR B 228 1.17 -31.72 -3.37
N GLY B 229 1.24 -31.04 -2.23
CA GLY B 229 2.48 -30.93 -1.49
C GLY B 229 2.68 -29.59 -0.82
N HIS B 230 2.07 -28.54 -1.35
CA HIS B 230 2.11 -27.23 -0.71
C HIS B 230 1.27 -27.23 0.55
N GLU B 231 1.45 -26.19 1.37
CA GLU B 231 0.72 -26.07 2.63
C GLU B 231 -0.38 -25.01 2.61
N SER B 232 -0.32 -24.05 1.69
CA SER B 232 -1.28 -22.95 1.68
C SER B 232 -1.61 -22.63 0.23
N ASP B 233 -2.23 -21.46 0.02
CA ASP B 233 -2.72 -21.08 -1.29
C ASP B 233 -1.59 -20.88 -2.29
N ILE B 234 -1.84 -21.23 -3.55
CA ILE B 234 -0.88 -21.15 -4.62
C ILE B 234 -1.16 -19.90 -5.44
N ASN B 235 -0.16 -19.06 -5.64
CA ASN B 235 -0.35 -17.77 -6.31
C ASN B 235 0.17 -17.72 -7.74
N ALA B 236 1.16 -18.54 -8.10
CA ALA B 236 1.80 -18.43 -9.40
C ALA B 236 2.18 -19.81 -9.92
N ILE B 237 2.36 -19.90 -11.24
CA ILE B 237 2.66 -21.18 -11.89
C ILE B 237 3.33 -20.89 -13.24
N CYS B 238 4.20 -21.82 -13.67
CA CYS B 238 4.97 -21.67 -14.90
C CYS B 238 5.51 -23.01 -15.39
N PHE B 239 5.57 -23.19 -16.72
CA PHE B 239 6.22 -24.37 -17.32
C PHE B 239 7.73 -24.23 -17.48
N PHE B 240 8.39 -25.38 -17.40
CA PHE B 240 9.75 -25.55 -17.86
C PHE B 240 9.80 -25.44 -19.38
N PRO B 241 10.90 -24.91 -19.93
CA PRO B 241 10.99 -24.78 -21.39
C PRO B 241 10.87 -26.09 -22.15
N ASN B 242 11.19 -27.22 -21.51
CA ASN B 242 11.06 -28.51 -22.18
C ASN B 242 9.61 -28.91 -22.38
N GLY B 243 8.74 -28.55 -21.44
CA GLY B 243 7.35 -28.98 -21.48
C GLY B 243 7.04 -30.21 -20.67
N ASN B 244 7.94 -30.65 -19.79
CA ASN B 244 7.76 -31.88 -19.02
C ASN B 244 7.83 -31.64 -17.51
N ALA B 245 7.82 -30.38 -17.06
CA ALA B 245 7.92 -30.08 -15.65
C ALA B 245 7.37 -28.68 -15.43
N PHE B 246 7.07 -28.35 -14.17
CA PHE B 246 6.59 -27.01 -13.87
C PHE B 246 6.83 -26.65 -12.41
N ALA B 247 6.85 -25.33 -12.15
CA ALA B 247 7.20 -24.78 -10.85
C ALA B 247 6.10 -23.89 -10.33
N THR B 248 5.90 -23.90 -9.01
CA THR B 248 4.82 -23.17 -8.36
C THR B 248 5.33 -22.43 -7.13
N GLY B 249 4.60 -21.38 -6.76
CA GLY B 249 4.92 -20.61 -5.57
C GLY B 249 3.67 -20.30 -4.77
N SER B 250 3.84 -20.23 -3.45
CA SER B 250 2.70 -20.25 -2.54
C SER B 250 2.88 -19.18 -1.46
N ASP B 251 1.96 -19.20 -0.49
CA ASP B 251 1.95 -18.28 0.64
C ASP B 251 2.69 -18.82 1.85
N ASP B 252 3.26 -20.02 1.77
CA ASP B 252 4.07 -20.56 2.83
C ASP B 252 5.55 -20.22 2.67
N ALA B 253 5.88 -19.28 1.78
CA ALA B 253 7.25 -18.82 1.55
C ALA B 253 8.13 -19.94 1.00
N THR B 254 7.66 -20.59 -0.07
CA THR B 254 8.35 -21.73 -0.62
C THR B 254 8.01 -21.84 -2.10
N CYS B 255 8.99 -22.24 -2.90
CA CYS B 255 8.77 -22.62 -4.29
C CYS B 255 9.00 -24.10 -4.46
N ARG B 256 8.32 -24.72 -5.42
CA ARG B 256 8.49 -26.15 -5.64
C ARG B 256 8.49 -26.49 -7.13
N LEU B 257 9.22 -27.55 -7.47
CA LEU B 257 9.35 -28.03 -8.84
C LEU B 257 8.83 -29.46 -8.93
N PHE B 258 7.88 -29.68 -9.84
CA PHE B 258 7.19 -30.96 -10.06
C PHE B 258 7.48 -31.47 -11.47
N ASP B 259 7.39 -32.79 -11.63
CA ASP B 259 7.63 -33.49 -12.88
C ASP B 259 6.39 -34.24 -13.32
N LEU B 260 6.05 -34.11 -14.61
CA LEU B 260 4.83 -34.72 -15.15
C LEU B 260 4.93 -36.22 -15.36
N ARG B 261 6.08 -36.72 -15.81
CA ARG B 261 6.19 -38.14 -16.14
C ARG B 261 6.33 -39.04 -14.92
N ALA B 262 7.08 -38.60 -13.91
CA ALA B 262 7.19 -39.35 -12.66
C ALA B 262 6.06 -39.07 -11.69
N ASP B 263 5.29 -38.00 -11.91
CA ASP B 263 4.04 -37.75 -11.19
C ASP B 263 4.26 -37.45 -9.71
N GLN B 264 5.30 -36.67 -9.39
CA GLN B 264 5.54 -36.28 -8.01
C GLN B 264 6.48 -35.09 -7.98
N GLU B 265 6.62 -34.52 -6.78
CA GLU B 265 7.47 -33.37 -6.56
C GLU B 265 8.94 -33.73 -6.70
N LEU B 266 9.71 -32.83 -7.32
CA LEU B 266 11.14 -33.02 -7.50
C LEU B 266 11.97 -32.18 -6.53
N MET B 267 11.63 -30.92 -6.30
CA MET B 267 12.54 -30.10 -5.51
C MET B 267 11.81 -28.97 -4.81
N THR B 268 12.45 -28.42 -3.77
CA THR B 268 11.92 -27.33 -2.96
C THR B 268 12.97 -26.24 -2.80
N TYR B 269 12.58 -24.99 -3.06
CA TYR B 269 13.44 -23.82 -2.89
C TYR B 269 12.87 -22.96 -1.77
N SER B 270 13.61 -22.87 -0.67
CA SER B 270 13.18 -22.14 0.52
C SER B 270 14.40 -21.72 1.33
N HIS B 271 14.18 -20.78 2.24
CA HIS B 271 15.24 -20.27 3.09
C HIS B 271 14.65 -19.95 4.45
N ASP B 272 15.51 -19.91 5.47
CA ASP B 272 15.05 -19.76 6.85
C ASP B 272 14.83 -18.31 7.26
N ASN B 273 15.28 -17.34 6.47
CA ASN B 273 15.05 -15.93 6.74
C ASN B 273 13.92 -15.34 5.91
N ILE B 274 13.21 -16.17 5.14
CA ILE B 274 12.10 -15.73 4.30
C ILE B 274 10.82 -16.22 4.93
N ILE B 275 9.97 -15.29 5.37
CA ILE B 275 8.72 -15.65 6.04
C ILE B 275 7.56 -14.90 5.39
N CYS B 276 7.67 -14.60 4.10
CA CYS B 276 6.64 -13.87 3.37
C CYS B 276 6.27 -14.63 2.10
N GLY B 277 5.07 -14.36 1.59
CA GLY B 277 4.56 -15.08 0.46
C GLY B 277 5.20 -14.70 -0.86
N ILE B 278 4.92 -15.51 -1.87
CA ILE B 278 5.52 -15.41 -3.19
C ILE B 278 4.43 -15.08 -4.19
N THR B 279 4.67 -14.08 -5.04
CA THR B 279 3.63 -13.58 -5.91
C THR B 279 3.85 -13.86 -7.39
N SER B 280 5.02 -14.33 -7.79
CA SER B 280 5.31 -14.45 -9.21
C SER B 280 6.55 -15.33 -9.40
N VAL B 281 6.55 -16.14 -10.45
CA VAL B 281 7.67 -17.00 -10.82
C VAL B 281 7.86 -16.94 -12.33
N SER B 282 9.04 -17.36 -12.78
CA SER B 282 9.38 -17.39 -14.20
C SER B 282 10.72 -18.09 -14.42
N PHE B 283 10.93 -18.63 -15.62
CA PHE B 283 12.15 -19.31 -15.98
C PHE B 283 12.97 -18.47 -16.95
N SER B 284 14.26 -18.76 -17.02
CA SER B 284 15.12 -18.17 -18.03
C SER B 284 14.97 -18.96 -19.33
N LYS B 285 15.82 -18.67 -20.32
CA LYS B 285 15.63 -19.28 -21.63
C LYS B 285 16.08 -20.74 -21.67
N SER B 286 17.15 -21.08 -20.95
CA SER B 286 17.61 -22.46 -20.90
C SER B 286 17.03 -23.25 -19.73
N GLY B 287 16.33 -22.60 -18.81
CA GLY B 287 15.76 -23.28 -17.67
C GLY B 287 16.70 -23.52 -16.53
N ARG B 288 17.83 -22.82 -16.46
CA ARG B 288 18.82 -23.01 -15.41
C ARG B 288 18.63 -22.06 -14.23
N LEU B 289 17.95 -20.94 -14.41
CA LEU B 289 17.69 -20.00 -13.33
C LEU B 289 16.19 -19.87 -13.13
N LEU B 290 15.78 -19.62 -11.88
CA LEU B 290 14.38 -19.40 -11.55
C LEU B 290 14.27 -18.10 -10.77
N LEU B 291 13.45 -17.18 -11.26
CA LEU B 291 13.29 -15.87 -10.66
C LEU B 291 11.96 -15.78 -9.95
N ALA B 292 11.95 -15.22 -8.74
CA ALA B 292 10.73 -15.15 -7.93
C ALA B 292 10.56 -13.77 -7.33
N GLY B 293 9.34 -13.26 -7.38
CA GLY B 293 8.98 -11.98 -6.80
C GLY B 293 8.29 -12.15 -5.46
N TYR B 294 8.69 -11.33 -4.50
CA TYR B 294 8.35 -11.53 -3.09
C TYR B 294 7.58 -10.35 -2.53
N ASP B 295 7.08 -10.54 -1.31
CA ASP B 295 6.45 -9.50 -0.52
C ASP B 295 7.42 -8.77 0.38
N ASP B 296 8.73 -9.06 0.29
CA ASP B 296 9.66 -8.34 1.13
C ASP B 296 9.64 -6.95 0.51
N PHE B 297 10.34 -6.75 -0.57
CA PHE B 297 9.89 -5.69 -1.47
C PHE B 297 10.58 -6.05 -2.81
N ASN B 298 11.36 -7.15 -2.83
CA ASN B 298 12.33 -7.36 -3.89
C ASN B 298 12.24 -8.79 -4.43
N CYS B 299 13.21 -9.15 -5.30
CA CYS B 299 13.16 -10.39 -6.06
C CYS B 299 14.42 -11.22 -5.85
N ASN B 300 14.26 -12.55 -5.93
CA ASN B 300 15.37 -13.49 -5.71
C ASN B 300 15.58 -14.36 -6.94
N VAL B 301 16.84 -14.66 -7.23
CA VAL B 301 17.25 -15.48 -8.36
C VAL B 301 17.90 -16.75 -7.81
N TRP B 302 17.31 -17.90 -8.13
CA TRP B 302 17.71 -19.21 -7.64
C TRP B 302 18.33 -20.05 -8.75
N ASP B 303 19.24 -20.93 -8.34
CA ASP B 303 19.74 -21.99 -9.20
C ASP B 303 18.74 -23.14 -9.21
N ALA B 304 18.30 -23.53 -10.41
CA ALA B 304 17.23 -24.50 -10.53
C ALA B 304 17.68 -25.92 -10.26
N LEU B 305 18.93 -26.26 -10.59
CA LEU B 305 19.39 -27.64 -10.51
C LEU B 305 20.07 -28.00 -9.19
N LYS B 306 20.34 -27.02 -8.32
CA LYS B 306 20.97 -27.29 -7.04
C LYS B 306 20.30 -26.59 -5.86
N ALA B 307 19.29 -25.76 -6.10
CA ALA B 307 18.52 -25.12 -5.04
C ALA B 307 19.37 -24.21 -4.17
N ASP B 308 20.17 -23.36 -4.82
CA ASP B 308 21.00 -22.38 -4.14
C ASP B 308 20.61 -20.98 -4.60
N ARG B 309 20.63 -20.02 -3.66
CA ARG B 309 20.27 -18.66 -4.00
C ARG B 309 21.46 -17.96 -4.65
N ALA B 310 21.28 -17.49 -5.88
CA ALA B 310 22.37 -16.95 -6.67
C ALA B 310 22.36 -15.43 -6.80
N GLY B 311 21.22 -14.78 -6.64
CA GLY B 311 21.24 -13.33 -6.80
C GLY B 311 20.01 -12.66 -6.25
N VAL B 312 20.09 -11.33 -6.15
CA VAL B 312 18.99 -10.51 -5.64
C VAL B 312 18.80 -9.31 -6.56
N LEU B 313 17.56 -8.99 -6.88
CA LEU B 313 17.20 -7.74 -7.53
C LEU B 313 16.40 -6.86 -6.57
N ALA B 314 16.94 -5.68 -6.26
CA ALA B 314 16.34 -4.77 -5.29
C ALA B 314 16.14 -3.43 -5.97
N GLY B 315 15.29 -2.60 -5.38
CA GLY B 315 15.07 -1.27 -5.92
C GLY B 315 13.63 -0.82 -6.06
N HIS B 316 12.68 -1.62 -5.56
CA HIS B 316 11.29 -1.22 -5.50
C HIS B 316 10.94 -0.78 -4.09
N ASP B 317 9.92 0.06 -3.97
CA ASP B 317 9.54 0.65 -2.70
C ASP B 317 8.23 0.10 -2.15
N ASN B 318 7.68 -0.93 -2.78
CA ASN B 318 6.44 -1.53 -2.32
C ASN B 318 6.38 -2.96 -2.84
N ARG B 319 5.21 -3.57 -2.76
CA ARG B 319 5.06 -4.99 -3.01
C ARG B 319 5.22 -5.31 -4.50
N VAL B 320 6.13 -6.24 -4.81
CA VAL B 320 6.31 -6.67 -6.20
C VAL B 320 5.10 -7.48 -6.62
N SER B 321 4.51 -7.11 -7.76
CA SER B 321 3.29 -7.77 -8.23
C SER B 321 3.48 -8.63 -9.46
N CYS B 322 4.45 -8.33 -10.34
CA CYS B 322 4.51 -9.09 -11.58
C CYS B 322 5.91 -9.07 -12.19
N LEU B 323 6.25 -10.15 -12.89
CA LEU B 323 7.53 -10.32 -13.57
C LEU B 323 7.31 -10.81 -14.99
N GLY B 324 8.37 -10.70 -15.81
CA GLY B 324 8.35 -11.29 -17.14
C GLY B 324 9.69 -11.35 -17.83
N VAL B 325 9.91 -12.38 -18.65
CA VAL B 325 11.15 -12.57 -19.39
C VAL B 325 10.83 -12.67 -20.87
N THR B 326 11.62 -11.98 -21.69
CA THR B 326 11.38 -11.93 -23.13
C THR B 326 11.57 -13.30 -23.77
N ASP B 327 11.13 -13.41 -25.02
CA ASP B 327 11.23 -14.66 -25.77
C ASP B 327 12.60 -14.91 -26.36
N ASP B 328 13.53 -13.97 -26.25
CA ASP B 328 14.92 -14.20 -26.59
C ASP B 328 15.83 -14.22 -25.36
N GLY B 329 15.29 -13.93 -24.17
CA GLY B 329 16.05 -13.99 -22.94
C GLY B 329 16.91 -12.79 -22.63
N MET B 330 16.72 -11.68 -23.33
CA MET B 330 17.64 -10.55 -23.19
C MET B 330 17.42 -9.75 -21.91
N ALA B 331 16.18 -9.62 -21.44
CA ALA B 331 15.90 -8.73 -20.33
C ALA B 331 14.79 -9.28 -19.46
N VAL B 332 14.68 -8.73 -18.24
CA VAL B 332 13.59 -9.04 -17.33
C VAL B 332 12.83 -7.74 -17.04
N ALA B 333 11.53 -7.84 -16.85
CA ALA B 333 10.72 -6.67 -16.52
C ALA B 333 9.90 -6.95 -15.27
N THR B 334 9.93 -6.01 -14.32
CA THR B 334 9.27 -6.16 -13.04
C THR B 334 8.38 -4.96 -12.74
N GLY B 335 7.20 -5.23 -12.20
CA GLY B 335 6.29 -4.17 -11.80
C GLY B 335 5.73 -4.41 -10.42
N SER B 336 5.49 -3.30 -9.71
CA SER B 336 5.13 -3.34 -8.30
C SER B 336 4.06 -2.30 -8.00
N TRP B 337 3.72 -2.18 -6.72
CA TRP B 337 2.63 -1.34 -6.24
C TRP B 337 3.02 0.12 -6.07
N ASP B 338 4.27 0.49 -6.34
CA ASP B 338 4.72 1.87 -6.28
C ASP B 338 4.53 2.62 -7.60
N SER B 339 3.87 1.99 -8.58
CA SER B 339 3.46 2.59 -9.86
C SER B 339 4.56 2.66 -10.90
N PHE B 340 5.68 1.98 -10.69
CA PHE B 340 6.79 2.02 -11.63
C PHE B 340 7.09 0.63 -12.18
N LEU B 341 7.56 0.60 -13.43
CA LEU B 341 8.04 -0.59 -14.09
C LEU B 341 9.53 -0.46 -14.32
N LYS B 342 10.28 -1.54 -14.09
CA LYS B 342 11.72 -1.51 -14.26
C LYS B 342 12.18 -2.65 -15.15
N ILE B 343 13.20 -2.38 -15.95
CA ILE B 343 13.78 -3.34 -16.88
C ILE B 343 15.21 -3.60 -16.46
N TRP B 344 15.55 -4.88 -16.29
CA TRP B 344 16.84 -5.31 -15.77
C TRP B 344 17.57 -6.11 -16.83
N ASN B 345 18.88 -5.90 -16.89
CA ASN B 345 19.72 -6.63 -17.84
C ASN B 345 21.07 -6.96 -17.23
N GLN C 23 -0.29 -33.11 1.82
CA GLN C 23 -1.74 -33.11 1.90
C GLN C 23 -2.21 -32.75 3.30
N VAL C 24 -2.93 -31.63 3.40
CA VAL C 24 -3.41 -31.16 4.70
C VAL C 24 -4.53 -32.07 5.19
N GLN C 25 -4.42 -32.54 6.43
CA GLN C 25 -5.40 -33.45 6.98
C GLN C 25 -5.67 -33.13 8.45
N LEU C 26 -6.94 -33.15 8.82
CA LEU C 26 -7.39 -32.96 10.20
C LEU C 26 -8.40 -34.04 10.52
N GLN C 27 -8.28 -34.66 11.70
CA GLN C 27 -9.15 -35.76 12.09
C GLN C 27 -9.59 -35.57 13.54
N GLU C 28 -10.90 -35.50 13.75
CA GLU C 28 -11.49 -35.28 15.07
C GLU C 28 -11.95 -36.59 15.68
N SER C 29 -11.96 -36.64 17.01
CA SER C 29 -12.42 -37.82 17.73
C SER C 29 -13.17 -37.33 18.97
N GLY C 30 -13.88 -38.27 19.59
CA GLY C 30 -14.70 -37.96 20.75
C GLY C 30 -16.13 -37.93 20.22
N GLY C 31 -16.98 -37.19 20.91
CA GLY C 31 -18.39 -37.14 20.54
C GLY C 31 -19.23 -38.25 21.14
N GLY C 32 -20.54 -38.20 20.91
CA GLY C 32 -21.42 -39.22 21.44
C GLY C 32 -22.62 -38.59 22.12
N LEU C 33 -23.31 -39.39 22.93
CA LEU C 33 -24.56 -39.00 23.57
C LEU C 33 -24.34 -38.95 25.08
N VAL C 34 -24.64 -37.81 25.70
CA VAL C 34 -24.44 -37.62 27.12
C VAL C 34 -25.70 -37.03 27.74
N GLN C 35 -25.82 -37.21 29.05
CA GLN C 35 -26.93 -36.65 29.81
C GLN C 35 -26.70 -35.17 30.06
N PRO C 36 -27.77 -34.40 30.31
CA PRO C 36 -27.58 -33.01 30.71
C PRO C 36 -26.76 -32.92 31.99
N GLY C 37 -25.86 -31.93 32.03
CA GLY C 37 -24.94 -31.80 33.13
C GLY C 37 -23.72 -32.68 33.06
N GLY C 38 -23.49 -33.36 31.95
CA GLY C 38 -22.35 -34.26 31.80
C GLY C 38 -21.10 -33.53 31.36
N SER C 39 -20.14 -34.30 30.86
CA SER C 39 -18.88 -33.74 30.40
C SER C 39 -18.34 -34.58 29.25
N LEU C 40 -17.45 -33.96 28.46
CA LEU C 40 -16.84 -34.62 27.32
C LEU C 40 -15.50 -33.98 27.01
N ARG C 41 -14.69 -34.70 26.23
CA ARG C 41 -13.38 -34.23 25.81
C ARG C 41 -13.15 -34.63 24.37
N LEU C 42 -13.05 -33.64 23.48
CA LEU C 42 -12.80 -33.86 22.06
C LEU C 42 -11.33 -33.62 21.75
N SER C 43 -10.78 -34.46 20.87
CA SER C 43 -9.40 -34.35 20.43
C SER C 43 -9.33 -34.22 18.92
N CYS C 44 -8.25 -33.61 18.43
CA CYS C 44 -8.04 -33.46 17.00
C CYS C 44 -6.56 -33.67 16.69
N ALA C 45 -6.30 -34.46 15.65
CA ALA C 45 -4.95 -34.77 15.18
C ALA C 45 -4.75 -34.19 13.79
N ALA C 46 -3.62 -33.52 13.59
CA ALA C 46 -3.34 -32.75 12.39
C ALA C 46 -2.07 -33.25 11.72
N SER C 47 -2.10 -33.32 10.39
CA SER C 47 -0.98 -33.85 9.63
C SER C 47 -0.82 -33.10 8.31
N GLY C 48 0.43 -32.97 7.87
CA GLY C 48 0.73 -32.37 6.59
C GLY C 48 1.19 -30.94 6.60
N PHE C 49 1.43 -30.36 7.77
CA PHE C 49 1.88 -28.97 7.86
C PHE C 49 2.56 -28.77 9.20
N THR C 50 3.30 -27.67 9.31
CA THR C 50 4.00 -27.33 10.55
C THR C 50 2.97 -26.84 11.57
N PHE C 51 2.64 -27.70 12.54
CA PHE C 51 1.51 -27.45 13.42
C PHE C 51 1.73 -26.22 14.30
N SER C 52 2.97 -25.88 14.58
CA SER C 52 3.29 -24.85 15.57
C SER C 52 3.36 -23.44 14.97
N ASN C 53 3.01 -23.28 13.70
CA ASN C 53 3.10 -21.99 13.03
C ASN C 53 1.76 -21.28 12.90
N TYR C 54 0.67 -21.90 13.35
CA TYR C 54 -0.67 -21.44 13.01
C TYR C 54 -1.50 -21.21 14.26
N LYS C 55 -2.69 -20.65 14.05
CA LYS C 55 -3.73 -20.54 15.06
C LYS C 55 -4.78 -21.62 14.83
N MET C 56 -5.52 -21.95 15.89
CA MET C 56 -6.49 -23.03 15.82
C MET C 56 -7.85 -22.58 16.31
N ASN C 57 -8.89 -23.19 15.75
CA ASN C 57 -10.27 -22.76 15.96
C ASN C 57 -11.17 -23.97 16.14
N TRP C 58 -12.15 -23.84 17.03
CA TRP C 58 -13.24 -24.80 17.17
C TRP C 58 -14.52 -24.12 16.70
N VAL C 59 -15.24 -24.80 15.80
CA VAL C 59 -16.45 -24.29 15.16
C VAL C 59 -17.54 -25.35 15.30
N ARG C 60 -18.80 -24.94 15.27
CA ARG C 60 -19.88 -25.90 15.44
C ARG C 60 -21.09 -25.50 14.61
N GLN C 61 -21.93 -26.49 14.30
CA GLN C 61 -23.14 -26.27 13.51
C GLN C 61 -24.30 -27.04 14.13
N ALA C 62 -25.43 -26.37 14.31
CA ALA C 62 -26.61 -26.91 14.96
C ALA C 62 -27.63 -27.36 13.92
N PRO C 63 -28.54 -28.27 14.30
CA PRO C 63 -29.56 -28.73 13.33
C PRO C 63 -30.53 -27.62 12.94
N GLY C 64 -30.49 -27.21 11.68
CA GLY C 64 -31.34 -26.14 11.20
C GLY C 64 -30.74 -24.75 11.25
N LYS C 65 -29.43 -24.63 11.45
CA LYS C 65 -28.79 -23.33 11.54
C LYS C 65 -27.54 -23.28 10.67
N GLY C 66 -26.80 -22.17 10.76
CA GLY C 66 -25.56 -22.01 10.03
C GLY C 66 -24.35 -22.36 10.88
N LEU C 67 -23.18 -22.05 10.33
CA LEU C 67 -21.92 -22.32 11.02
C LEU C 67 -21.61 -21.21 12.00
N GLU C 68 -21.15 -21.59 13.19
CA GLU C 68 -20.95 -20.68 14.31
C GLU C 68 -19.57 -20.85 14.91
N TRP C 69 -18.92 -19.73 15.19
CA TRP C 69 -17.60 -19.74 15.83
C TRP C 69 -17.74 -19.99 17.32
N VAL C 70 -16.92 -20.89 17.85
CA VAL C 70 -17.01 -21.32 19.25
C VAL C 70 -15.79 -20.90 20.06
N SER C 71 -14.58 -21.23 19.60
CA SER C 71 -13.41 -20.89 20.41
C SER C 71 -12.17 -20.74 19.55
N ASP C 72 -11.17 -20.06 20.13
CA ASP C 72 -9.96 -19.63 19.43
C ASP C 72 -8.75 -19.79 20.34
N ILE C 73 -7.65 -20.31 19.77
CA ILE C 73 -6.37 -20.38 20.49
C ILE C 73 -5.24 -20.01 19.53
N SER C 74 -4.21 -19.38 20.09
CA SER C 74 -3.08 -18.86 19.33
C SER C 74 -1.98 -19.92 19.23
N GLN C 75 -0.78 -19.50 18.81
CA GLN C 75 0.28 -20.40 18.41
C GLN C 75 1.12 -20.91 19.57
N SER C 76 1.31 -20.10 20.61
CA SER C 76 2.10 -20.51 21.77
C SER C 76 1.24 -20.84 22.97
N GLY C 77 -0.09 -20.84 22.81
CA GLY C 77 -0.97 -21.13 23.92
C GLY C 77 -1.19 -19.99 24.89
N ALA C 78 -0.65 -18.81 24.61
CA ALA C 78 -0.79 -17.71 25.56
C ALA C 78 -2.19 -17.12 25.54
N SER C 79 -2.77 -16.94 24.36
CA SER C 79 -4.03 -16.24 24.19
C SER C 79 -5.17 -17.22 23.92
N ILE C 80 -6.32 -16.96 24.54
CA ILE C 80 -7.50 -17.81 24.48
C ILE C 80 -8.69 -16.91 24.18
N SER C 81 -9.74 -17.50 23.58
CA SER C 81 -10.95 -16.72 23.36
C SER C 81 -12.16 -17.64 23.24
N TYR C 82 -13.27 -17.24 23.86
CA TYR C 82 -14.54 -17.96 23.84
C TYR C 82 -15.67 -17.02 23.47
N THR C 83 -16.83 -17.59 23.13
CA THR C 83 -18.05 -16.84 23.00
C THR C 83 -18.70 -16.63 24.37
N GLY C 84 -19.67 -15.72 24.41
CA GLY C 84 -20.32 -15.41 25.67
C GLY C 84 -21.11 -16.56 26.26
N SER C 85 -21.67 -17.40 25.41
CA SER C 85 -22.59 -18.44 25.86
C SER C 85 -21.90 -19.71 26.34
N VAL C 86 -20.57 -19.77 26.33
CA VAL C 86 -19.84 -20.94 26.78
C VAL C 86 -18.81 -20.63 27.86
N LYS C 87 -18.60 -19.36 28.21
CA LYS C 87 -17.57 -19.01 29.18
C LYS C 87 -17.85 -19.65 30.53
N GLY C 88 -16.80 -20.21 31.13
CA GLY C 88 -16.91 -20.90 32.40
C GLY C 88 -17.21 -22.38 32.31
N ARG C 89 -17.42 -22.91 31.11
CA ARG C 89 -17.73 -24.32 30.94
C ARG C 89 -16.78 -25.04 30.00
N PHE C 90 -16.33 -24.39 28.93
CA PHE C 90 -15.46 -25.00 27.95
C PHE C 90 -14.03 -24.50 28.16
N THR C 91 -13.06 -25.37 27.85
CA THR C 91 -11.64 -25.00 27.90
C THR C 91 -10.94 -25.56 26.67
N ILE C 92 -9.99 -24.81 26.14
CA ILE C 92 -9.26 -25.21 24.94
C ILE C 92 -7.79 -25.36 25.29
N SER C 93 -7.14 -26.38 24.72
CA SER C 93 -5.74 -26.65 25.04
C SER C 93 -5.04 -27.19 23.81
N ARG C 94 -3.70 -27.13 23.86
CA ARG C 94 -2.85 -27.34 22.70
C ARG C 94 -1.70 -28.28 23.08
N ASP C 95 -1.17 -28.99 22.09
CA ASP C 95 0.01 -29.83 22.31
C ASP C 95 0.83 -29.83 21.03
N ASN C 96 1.99 -29.16 21.07
CA ASN C 96 2.79 -28.97 19.87
C ASN C 96 3.66 -30.17 19.54
N ALA C 97 4.18 -30.86 20.56
CA ALA C 97 5.04 -32.01 20.31
C ALA C 97 4.29 -33.15 19.64
N LYS C 98 3.05 -33.39 20.06
CA LYS C 98 2.23 -34.46 19.51
C LYS C 98 1.28 -34.00 18.41
N ASN C 99 1.24 -32.70 18.12
CA ASN C 99 0.40 -32.14 17.06
C ASN C 99 -1.08 -32.40 17.32
N THR C 100 -1.56 -31.97 18.49
CA THR C 100 -2.90 -32.31 18.93
C THR C 100 -3.60 -31.09 19.52
N LEU C 101 -4.91 -31.00 19.30
CA LEU C 101 -5.74 -29.95 19.88
C LEU C 101 -6.85 -30.59 20.72
N TYR C 102 -7.18 -29.96 21.85
CA TYR C 102 -8.18 -30.51 22.77
C TYR C 102 -9.22 -29.47 23.14
N LEU C 103 -10.46 -29.94 23.31
CA LEU C 103 -11.54 -29.15 23.89
C LEU C 103 -12.19 -29.94 25.01
N GLN C 104 -12.36 -29.31 26.17
CA GLN C 104 -12.97 -29.93 27.33
C GLN C 104 -14.29 -29.22 27.61
N MET C 105 -15.39 -29.97 27.55
CA MET C 105 -16.73 -29.42 27.71
C MET C 105 -17.33 -29.95 29.00
N ASN C 106 -17.79 -29.03 29.86
CA ASN C 106 -18.39 -29.36 31.15
C ASN C 106 -19.80 -28.81 31.21
N SER C 107 -20.65 -29.50 31.99
CA SER C 107 -22.01 -29.06 32.29
C SER C 107 -22.82 -28.83 31.01
N LEU C 108 -22.99 -29.91 30.26
CA LEU C 108 -23.66 -29.82 28.97
C LEU C 108 -25.15 -29.51 29.14
N LYS C 109 -25.67 -28.75 28.18
CA LYS C 109 -27.09 -28.41 28.09
C LYS C 109 -27.68 -29.02 26.82
N PRO C 110 -29.00 -29.19 26.76
CA PRO C 110 -29.61 -29.67 25.53
C PRO C 110 -29.40 -28.75 24.34
N GLU C 111 -29.09 -27.47 24.57
CA GLU C 111 -28.83 -26.52 23.51
C GLU C 111 -27.41 -26.61 22.96
N ASP C 112 -26.70 -27.70 23.22
CA ASP C 112 -25.36 -27.91 22.67
C ASP C 112 -25.31 -29.02 21.65
N THR C 113 -26.43 -29.70 21.38
CA THR C 113 -26.47 -30.79 20.40
C THR C 113 -26.10 -30.28 19.02
N ALA C 114 -24.96 -30.72 18.49
CA ALA C 114 -24.44 -30.11 17.27
C ALA C 114 -23.32 -30.99 16.71
N VAL C 115 -22.84 -30.60 15.53
CA VAL C 115 -21.68 -31.23 14.90
C VAL C 115 -20.51 -30.25 14.99
N TYR C 116 -19.38 -30.75 15.48
CA TYR C 116 -18.22 -29.91 15.78
C TYR C 116 -17.11 -30.14 14.75
N TYR C 117 -16.42 -29.05 14.39
CA TYR C 117 -15.34 -29.06 13.42
C TYR C 117 -14.13 -28.32 13.97
N CYS C 118 -12.96 -28.71 13.48
CA CYS C 118 -11.70 -28.05 13.79
C CYS C 118 -11.19 -27.32 12.56
N ALA C 119 -10.70 -26.10 12.73
CA ALA C 119 -10.19 -25.32 11.61
C ALA C 119 -8.87 -24.67 11.98
N ARG C 120 -8.06 -24.36 10.96
CA ARG C 120 -6.85 -23.58 11.16
C ARG C 120 -6.78 -22.46 10.12
N CYS C 121 -6.09 -21.39 10.50
CA CYS C 121 -6.07 -20.18 9.70
C CYS C 121 -5.33 -20.41 8.38
N PRO C 122 -5.65 -19.64 7.33
CA PRO C 122 -5.09 -19.96 6.01
C PRO C 122 -3.59 -19.74 5.88
N ALA C 123 -3.00 -18.81 6.62
CA ALA C 123 -1.59 -18.47 6.42
C ALA C 123 -0.86 -18.43 7.74
N PRO C 124 0.45 -18.71 7.75
CA PRO C 124 1.22 -18.68 8.99
C PRO C 124 1.78 -17.30 9.34
N PHE C 125 2.03 -17.12 10.64
CA PHE C 125 2.55 -15.87 11.20
C PHE C 125 1.64 -14.69 10.86
N THR C 126 0.39 -14.78 11.29
CA THR C 126 -0.59 -13.77 10.93
C THR C 126 -1.53 -13.53 12.11
N ARG C 127 -2.15 -12.35 12.12
CA ARG C 127 -3.03 -11.93 13.22
C ARG C 127 -4.51 -12.08 12.90
N ASP C 128 -4.94 -11.76 11.68
CA ASP C 128 -6.34 -11.89 11.30
C ASP C 128 -6.64 -13.35 10.96
N CYS C 129 -7.92 -13.67 10.72
CA CYS C 129 -8.36 -15.05 10.74
C CYS C 129 -8.98 -15.43 9.40
N PHE C 130 -9.60 -16.62 9.38
CA PHE C 130 -10.08 -17.25 8.15
C PHE C 130 -11.50 -16.86 7.80
N ASP C 131 -12.08 -17.55 6.82
CA ASP C 131 -13.45 -17.34 6.38
C ASP C 131 -14.31 -18.49 6.88
N VAL C 132 -15.28 -18.20 7.76
CA VAL C 132 -16.15 -19.21 8.35
C VAL C 132 -17.33 -19.45 7.42
N THR C 133 -17.14 -20.29 6.42
CA THR C 133 -17.99 -20.29 5.25
C THR C 133 -18.61 -21.65 5.01
N SER C 134 -19.88 -21.66 4.57
CA SER C 134 -20.55 -22.91 4.24
C SER C 134 -19.85 -23.62 3.09
N THR C 135 -19.40 -22.85 2.10
CA THR C 135 -18.71 -23.40 0.94
C THR C 135 -17.44 -24.14 1.39
N THR C 136 -16.82 -24.81 0.44
CA THR C 136 -15.71 -25.69 0.79
C THR C 136 -14.51 -24.89 1.25
N TYR C 137 -14.41 -24.64 2.55
CA TYR C 137 -13.18 -24.14 3.15
C TYR C 137 -12.22 -25.31 3.27
N ALA C 138 -11.03 -25.16 2.67
CA ALA C 138 -10.17 -26.31 2.42
C ALA C 138 -9.48 -26.84 3.67
N TYR C 139 -9.47 -26.09 4.76
CA TYR C 139 -8.69 -26.49 5.94
C TYR C 139 -9.60 -26.74 7.14
N ARG C 140 -10.67 -27.49 6.91
CA ARG C 140 -11.62 -27.87 7.95
C ARG C 140 -11.78 -29.38 7.93
N GLY C 141 -12.18 -29.94 9.08
CA GLY C 141 -12.35 -31.37 9.20
C GLY C 141 -13.79 -31.82 9.01
N GLN C 142 -13.98 -33.14 9.07
CA GLN C 142 -15.29 -33.72 8.82
C GLN C 142 -16.28 -33.47 9.96
N GLY C 143 -15.81 -33.51 11.20
CA GLY C 143 -16.65 -33.17 12.33
C GLY C 143 -17.15 -34.38 13.08
N THR C 144 -17.52 -34.16 14.34
CA THR C 144 -18.07 -35.21 15.18
C THR C 144 -19.38 -34.76 15.81
N GLN C 145 -20.27 -35.71 16.04
CA GLN C 145 -21.62 -35.41 16.52
C GLN C 145 -21.69 -35.52 18.03
N VAL C 146 -22.29 -34.51 18.66
CA VAL C 146 -22.48 -34.46 20.11
C VAL C 146 -23.96 -34.24 20.38
N THR C 147 -24.56 -35.13 21.17
CA THR C 147 -25.97 -35.06 21.53
C THR C 147 -26.12 -35.03 23.04
N VAL C 148 -27.01 -34.15 23.52
CA VAL C 148 -27.27 -33.98 24.94
C VAL C 148 -28.77 -34.09 25.14
N SER C 149 -29.24 -35.29 25.52
CA SER C 149 -30.65 -35.50 25.76
C SER C 149 -30.82 -36.72 26.66
N SER C 150 -32.01 -36.85 27.22
CA SER C 150 -32.32 -37.97 28.11
C SER C 150 -33.36 -38.90 27.49
N CYS D 9 26.69 64.90 18.31
CA CYS D 9 27.69 64.98 19.37
C CYS D 9 28.93 64.16 19.03
N PHE D 10 29.22 63.17 19.89
CA PHE D 10 30.40 62.33 19.72
C PHE D 10 30.02 60.87 19.93
N TYR D 11 30.81 59.98 19.33
CA TYR D 11 30.58 58.55 19.45
C TYR D 11 31.91 57.82 19.32
N ASN D 12 31.95 56.61 19.86
CA ASN D 12 33.14 55.75 19.80
C ASN D 12 32.66 54.32 19.55
N ASP D 13 32.61 53.94 18.27
CA ASP D 13 32.16 52.62 17.86
C ASP D 13 33.18 51.89 17.00
N SER D 14 34.47 52.12 17.27
CA SER D 14 35.52 51.41 16.55
C SER D 14 35.54 49.93 16.87
N PHE D 15 34.93 49.53 17.99
CA PHE D 15 34.94 48.12 18.39
C PHE D 15 34.30 47.23 17.35
N LYS D 16 33.44 47.79 16.47
CA LYS D 16 32.84 47.00 15.41
C LYS D 16 33.91 46.33 14.56
N TYR D 17 35.03 47.01 14.32
CA TYR D 17 36.09 46.44 13.50
C TYR D 17 36.62 45.14 14.08
N THR D 18 36.43 44.92 15.39
CA THR D 18 36.72 43.63 15.99
C THR D 18 35.46 42.77 16.08
N LEU D 19 34.32 43.38 16.44
CA LEU D 19 33.12 42.60 16.74
C LEU D 19 32.68 41.78 15.53
N TYR D 20 32.75 42.36 14.34
CA TYR D 20 32.46 41.59 13.13
C TYR D 20 33.44 40.44 12.98
N GLY D 21 34.75 40.73 13.09
CA GLY D 21 35.74 39.72 12.78
C GLY D 21 35.66 38.50 13.68
N CYS D 22 35.41 38.73 14.98
CA CYS D 22 35.31 37.61 15.91
C CYS D 22 34.03 36.80 15.72
N MET D 23 33.05 37.32 14.99
CA MET D 23 31.77 36.63 14.84
C MET D 23 31.54 36.09 13.44
N PHE D 24 31.68 36.94 12.42
CA PHE D 24 31.40 36.52 11.05
C PHE D 24 32.16 35.25 10.70
N SER D 25 33.47 35.24 10.97
CA SER D 25 34.29 34.06 10.67
C SER D 25 33.75 32.82 11.39
N MET D 26 33.32 32.99 12.65
CA MET D 26 32.72 31.87 13.36
C MET D 26 31.53 31.32 12.58
N VAL D 27 30.66 32.21 12.09
CA VAL D 27 29.53 31.75 11.29
C VAL D 27 30.01 30.94 10.11
N PHE D 28 31.12 31.37 9.48
CA PHE D 28 31.62 30.68 8.30
C PHE D 28 31.95 29.22 8.58
N VAL D 29 32.36 28.88 9.80
CA VAL D 29 32.69 27.49 10.07
C VAL D 29 31.48 26.68 10.50
N LEU D 30 30.40 27.35 10.93
CA LEU D 30 29.20 26.61 11.29
C LEU D 30 28.34 26.32 10.07
N GLY D 31 27.84 27.38 9.42
CA GLY D 31 26.89 27.19 8.33
C GLY D 31 27.44 26.33 7.21
N LEU D 32 28.71 26.57 6.83
CA LEU D 32 29.32 25.82 5.74
C LEU D 32 29.24 24.33 5.96
N ILE D 33 29.23 23.89 7.23
CA ILE D 33 28.97 22.49 7.52
C ILE D 33 27.48 22.20 7.48
N SER D 34 26.71 22.91 8.31
CA SER D 34 25.33 22.52 8.58
C SER D 34 24.51 22.48 7.30
N ASN D 35 24.51 23.58 6.55
CA ASN D 35 23.80 23.62 5.28
C ASN D 35 24.22 22.46 4.40
N CYS D 36 25.53 22.25 4.26
CA CYS D 36 26.01 21.14 3.44
C CYS D 36 25.38 19.83 3.89
N VAL D 37 25.42 19.57 5.20
CA VAL D 37 24.83 18.34 5.72
C VAL D 37 23.38 18.23 5.27
N ALA D 38 22.62 19.31 5.45
CA ALA D 38 21.22 19.30 5.04
C ALA D 38 21.09 18.96 3.57
N ILE D 39 21.90 19.63 2.73
CA ILE D 39 21.80 19.37 1.29
C ILE D 39 22.14 17.92 1.00
N TYR D 40 23.13 17.36 1.72
CA TYR D 40 23.46 15.95 1.53
C TYR D 40 22.28 15.03 1.76
N ILE D 41 21.44 15.37 2.74
CA ILE D 41 20.20 14.62 2.94
C ILE D 41 19.31 14.77 1.71
N PHE D 42 19.07 16.01 1.31
CA PHE D 42 18.22 16.27 0.15
C PHE D 42 18.81 15.56 -1.08
N ALA D 43 20.12 15.35 -1.09
CA ALA D 43 20.65 14.56 -2.18
C ALA D 43 20.00 13.17 -2.29
N CYS D 44 20.19 12.33 -1.27
CA CYS D 44 19.41 11.09 -1.16
C CYS D 44 19.54 10.37 0.19
N VAL D 45 18.67 10.72 1.12
CA VAL D 45 18.44 9.82 2.25
C VAL D 45 16.95 9.72 2.53
N LEU D 46 16.14 10.48 1.80
CA LEU D 46 14.73 10.60 2.14
C LEU D 46 13.77 10.19 1.03
N LYS D 47 14.12 10.40 -0.24
CA LYS D 47 13.34 9.94 -1.41
C LYS D 47 11.85 10.28 -1.31
N VAL D 48 11.52 11.41 -0.70
CA VAL D 48 10.16 11.91 -0.62
C VAL D 48 10.12 13.29 -1.26
N ARG D 49 9.07 13.56 -2.05
CA ARG D 49 8.97 14.82 -2.79
C ARG D 49 7.61 15.45 -2.51
N ASN D 50 7.64 16.68 -2.01
CA ASN D 50 6.43 17.49 -1.82
C ASN D 50 6.86 18.96 -1.72
N GLU D 51 5.88 19.84 -1.51
CA GLU D 51 6.13 21.27 -1.61
C GLU D 51 7.15 21.74 -0.57
N THR D 52 7.03 21.24 0.66
CA THR D 52 7.96 21.65 1.71
C THR D 52 9.39 21.32 1.33
N THR D 53 9.62 20.21 0.63
CA THR D 53 10.98 19.89 0.19
C THR D 53 11.49 20.93 -0.79
N THR D 54 10.65 21.40 -1.71
CA THR D 54 11.04 22.44 -2.65
C THR D 54 11.44 23.71 -1.91
N TYR D 55 10.59 24.15 -0.97
CA TYR D 55 10.90 25.39 -0.26
C TYR D 55 12.15 25.24 0.58
N MET D 56 12.34 24.07 1.21
CA MET D 56 13.51 23.87 2.05
C MET D 56 14.79 23.82 1.23
N ILE D 57 14.76 23.21 0.04
CA ILE D 57 15.97 23.15 -0.76
C ILE D 57 16.33 24.53 -1.31
N ASN D 58 15.31 25.31 -1.72
CA ASN D 58 15.58 26.68 -2.13
C ASN D 58 16.18 27.49 -0.98
N LEU D 59 15.60 27.36 0.22
CA LEU D 59 16.11 28.11 1.36
C LEU D 59 17.54 27.71 1.70
N ALA D 60 17.83 26.40 1.68
CA ALA D 60 19.18 25.94 1.99
C ALA D 60 20.19 26.43 0.96
N MET D 61 19.82 26.42 -0.33
CA MET D 61 20.73 26.92 -1.35
C MET D 61 21.00 28.40 -1.18
N SER D 62 19.95 29.18 -0.85
CA SER D 62 20.14 30.59 -0.57
C SER D 62 21.07 30.81 0.61
N ASP D 63 20.90 30.02 1.68
CA ASP D 63 21.77 30.15 2.84
C ASP D 63 23.21 29.83 2.50
N LEU D 64 23.44 28.79 1.69
CA LEU D 64 24.81 28.43 1.31
C LEU D 64 25.47 29.52 0.48
N LEU D 65 24.74 30.08 -0.49
CA LEU D 65 25.29 31.19 -1.25
C LEU D 65 25.57 32.40 -0.37
N PHE D 66 24.74 32.62 0.67
CA PHE D 66 25.04 33.68 1.61
C PHE D 66 26.32 33.39 2.39
N VAL D 67 26.54 32.13 2.76
CA VAL D 67 27.72 31.78 3.55
C VAL D 67 28.99 32.01 2.74
N PHE D 68 28.96 31.71 1.44
CA PHE D 68 30.19 31.84 0.65
C PHE D 68 30.71 33.28 0.52
N THR D 69 29.92 34.30 0.86
CA THR D 69 30.36 35.68 0.60
C THR D 69 30.89 36.39 1.84
N LEU D 70 31.11 35.68 2.94
CA LEU D 70 31.63 36.26 4.17
C LEU D 70 33.15 36.51 4.19
N PRO D 71 33.98 35.63 3.62
CA PRO D 71 35.44 35.80 3.79
C PRO D 71 35.98 37.13 3.28
N PHE D 72 35.42 37.68 2.21
CA PHE D 72 35.90 38.96 1.71
C PHE D 72 35.72 40.06 2.74
N ARG D 73 34.54 40.10 3.38
CA ARG D 73 34.30 41.08 4.43
C ARG D 73 35.15 40.80 5.65
N ILE D 74 35.41 39.53 5.96
CA ILE D 74 36.31 39.20 7.05
C ILE D 74 37.70 39.80 6.79
N PHE D 75 38.21 39.61 5.57
CA PHE D 75 39.52 40.15 5.22
C PHE D 75 39.52 41.67 5.28
N TYR D 76 38.46 42.30 4.76
CA TYR D 76 38.35 43.75 4.81
C TYR D 76 38.43 44.25 6.25
N PHE D 77 37.64 43.65 7.14
CA PHE D 77 37.57 44.16 8.50
C PHE D 77 38.81 43.80 9.31
N THR D 78 39.56 42.78 8.90
CA THR D 78 40.78 42.44 9.63
C THR D 78 42.00 43.21 9.14
N THR D 79 42.05 43.61 7.87
CA THR D 79 43.20 44.30 7.32
C THR D 79 42.95 45.77 7.01
N ARG D 80 41.71 46.24 7.07
CA ARG D 80 41.35 47.63 6.86
C ARG D 80 41.77 48.15 5.48
N ASN D 81 41.98 47.25 4.52
CA ASN D 81 42.36 47.67 3.18
C ASN D 81 41.64 46.80 2.17
N TRP D 82 41.41 47.35 0.98
CA TRP D 82 40.67 46.67 -0.08
C TRP D 82 41.22 46.61 -1.49
N PRO D 83 42.40 46.02 -1.68
CA PRO D 83 43.17 46.13 -2.92
C PRO D 83 42.59 45.38 -4.11
N PHE D 84 41.28 45.47 -4.31
CA PHE D 84 40.58 44.68 -5.32
C PHE D 84 39.67 45.47 -6.23
N GLY D 85 39.51 46.77 -6.03
CA GLY D 85 38.57 47.55 -6.80
C GLY D 85 37.16 47.51 -6.23
N ASP D 86 36.36 48.49 -6.66
CA ASP D 86 35.03 48.66 -6.09
C ASP D 86 34.05 47.58 -6.54
N LEU D 87 34.27 47.01 -7.73
CA LEU D 87 33.29 46.08 -8.30
C LEU D 87 33.11 44.85 -7.42
N LEU D 88 34.21 44.29 -6.91
CA LEU D 88 34.11 43.06 -6.14
C LEU D 88 33.31 43.27 -4.86
N CYS D 89 33.57 44.36 -4.13
CA CYS D 89 32.86 44.58 -2.88
C CYS D 89 31.43 45.00 -3.13
N LYS D 90 31.18 45.70 -4.25
CA LYS D 90 29.81 46.03 -4.63
C LYS D 90 29.01 44.75 -4.87
N ILE D 91 29.58 43.81 -5.63
CA ILE D 91 28.91 42.53 -5.86
C ILE D 91 28.73 41.79 -4.54
N SER D 92 29.72 41.88 -3.65
CA SER D 92 29.62 41.21 -2.36
C SER D 92 28.43 41.72 -1.56
N VAL D 93 28.25 43.04 -1.47
CA VAL D 93 27.16 43.57 -0.67
C VAL D 93 25.81 43.26 -1.31
N MET D 94 25.74 43.31 -2.65
CA MET D 94 24.48 42.94 -3.29
C MET D 94 24.10 41.50 -2.99
N LEU D 95 25.06 40.58 -3.08
CA LEU D 95 24.77 39.18 -2.77
C LEU D 95 24.31 39.03 -1.32
N PHE D 96 25.03 39.68 -0.41
CA PHE D 96 24.67 39.70 1.01
C PHE D 96 23.19 40.02 1.20
N TYR D 97 22.77 41.19 0.73
CA TYR D 97 21.41 41.64 1.03
C TYR D 97 20.36 40.81 0.27
N THR D 98 20.64 40.42 -0.97
CA THR D 98 19.64 39.67 -1.72
C THR D 98 19.38 38.31 -1.06
N ASN D 99 20.43 37.65 -0.57
CA ASN D 99 20.20 36.36 0.10
C ASN D 99 19.49 36.56 1.44
N MET D 100 19.89 37.58 2.20
CA MET D 100 19.28 37.80 3.50
C MET D 100 17.81 38.21 3.40
N TYR D 101 17.35 38.68 2.25
CA TYR D 101 15.91 38.91 2.08
C TYR D 101 15.16 37.74 1.45
N GLY D 102 15.80 37.00 0.53
CA GLY D 102 15.20 35.78 0.05
C GLY D 102 14.85 34.81 1.16
N SER D 103 15.70 34.76 2.20
CA SER D 103 15.42 33.89 3.34
C SER D 103 14.06 34.22 3.98
N ILE D 104 13.81 35.51 4.22
CA ILE D 104 12.54 35.95 4.81
C ILE D 104 11.39 35.52 3.93
N LEU D 105 11.49 35.79 2.63
CA LEU D 105 10.36 35.48 1.75
C LEU D 105 10.06 33.99 1.73
N PHE D 106 11.10 33.15 1.75
CA PHE D 106 10.87 31.70 1.70
C PHE D 106 10.26 31.19 3.00
N LEU D 107 10.69 31.72 4.15
CA LEU D 107 10.05 31.34 5.41
C LEU D 107 8.56 31.70 5.40
N THR D 108 8.22 32.87 4.87
CA THR D 108 6.82 33.25 4.79
C THR D 108 6.04 32.29 3.88
N CYS D 109 6.65 31.87 2.77
CA CYS D 109 6.00 30.90 1.89
C CYS D 109 5.67 29.61 2.63
N ILE D 110 6.63 29.10 3.40
CA ILE D 110 6.39 27.87 4.16
C ILE D 110 5.22 28.05 5.13
N SER D 111 5.18 29.19 5.82
CA SER D 111 4.10 29.42 6.78
C SER D 111 2.74 29.43 6.10
N VAL D 112 2.62 30.13 4.97
CA VAL D 112 1.33 30.20 4.29
C VAL D 112 0.92 28.82 3.77
N ASP D 113 1.89 28.03 3.31
CA ASP D 113 1.58 26.67 2.87
C ASP D 113 0.99 25.84 4.00
N ARG D 114 1.59 25.90 5.19
CA ARG D 114 1.04 25.16 6.33
C ARG D 114 -0.37 25.62 6.66
N PHE D 115 -0.60 26.94 6.65
CA PHE D 115 -1.94 27.45 6.91
C PHE D 115 -2.97 26.88 5.95
N LEU D 116 -2.68 26.97 4.64
CA LEU D 116 -3.61 26.44 3.65
C LEU D 116 -3.80 24.94 3.79
N ALA D 117 -2.77 24.22 4.23
CA ALA D 117 -2.87 22.78 4.30
C ALA D 117 -3.74 22.33 5.47
N ILE D 118 -3.64 23.01 6.62
CA ILE D 118 -4.33 22.48 7.79
C ILE D 118 -5.43 23.41 8.30
N VAL D 119 -5.91 24.35 7.47
CA VAL D 119 -7.15 25.06 7.74
C VAL D 119 -8.22 24.77 6.69
N TYR D 120 -7.83 24.63 5.42
CA TYR D 120 -8.75 24.32 4.33
C TYR D 120 -8.31 23.02 3.66
N PRO D 121 -8.72 21.87 4.19
CA PRO D 121 -8.28 20.60 3.58
C PRO D 121 -8.94 20.30 2.25
N PHE D 122 -10.13 20.85 1.98
CA PHE D 122 -10.88 20.51 0.77
C PHE D 122 -10.80 21.53 -0.34
N LYS D 123 -10.74 22.82 -0.01
CA LYS D 123 -10.73 23.89 -1.00
C LYS D 123 -9.32 24.36 -1.33
N SER D 124 -8.32 23.49 -1.23
CA SER D 124 -6.95 23.87 -1.55
C SER D 124 -6.20 22.82 -2.37
N LYS D 125 -6.81 21.69 -2.68
CA LYS D 125 -6.16 20.72 -3.55
C LYS D 125 -5.92 21.27 -4.95
N THR D 126 -6.61 22.34 -5.32
CA THR D 126 -6.42 23.00 -6.60
C THR D 126 -5.38 24.12 -6.53
N LEU D 127 -4.77 24.35 -5.38
CA LEU D 127 -3.72 25.35 -5.23
C LEU D 127 -2.39 24.80 -4.73
N ARG D 128 -2.33 23.53 -4.35
CA ARG D 128 -1.12 22.96 -3.75
C ARG D 128 -0.60 21.85 -4.65
N THR D 129 0.31 22.20 -5.56
CA THR D 129 0.98 21.22 -6.40
C THR D 129 2.38 21.73 -6.71
N LYS D 130 3.26 20.81 -7.12
CA LYS D 130 4.68 21.12 -7.21
C LYS D 130 4.96 22.17 -8.28
N ARG D 131 4.17 22.20 -9.35
CA ARG D 131 4.36 23.18 -10.41
C ARG D 131 4.18 24.61 -9.89
N ASN D 132 3.16 24.82 -9.05
CA ASN D 132 2.95 26.14 -8.47
C ASN D 132 4.10 26.54 -7.57
N ALA D 133 4.65 25.58 -6.81
CA ALA D 133 5.81 25.88 -5.99
C ALA D 133 7.00 26.33 -6.84
N LYS D 134 7.22 25.65 -7.97
CA LYS D 134 8.30 26.07 -8.85
C LYS D 134 8.06 27.49 -9.39
N ILE D 135 6.82 27.79 -9.77
CA ILE D 135 6.51 29.13 -10.27
C ILE D 135 6.81 30.18 -9.20
N VAL D 136 6.37 29.92 -7.97
CA VAL D 136 6.55 30.90 -6.89
C VAL D 136 8.03 31.09 -6.56
N CYS D 137 8.80 30.01 -6.53
CA CYS D 137 10.24 30.15 -6.26
C CYS D 137 10.93 30.95 -7.36
N THR D 138 10.58 30.71 -8.62
CA THR D 138 11.15 31.51 -9.70
C THR D 138 10.81 32.97 -9.54
N GLY D 139 9.55 33.26 -9.18
CA GLY D 139 9.16 34.65 -8.97
C GLY D 139 9.93 35.31 -7.84
N VAL D 140 10.16 34.57 -6.75
CA VAL D 140 10.91 35.12 -5.62
C VAL D 140 12.34 35.45 -6.04
N TRP D 141 12.99 34.53 -6.76
CA TRP D 141 14.37 34.80 -7.20
C TRP D 141 14.43 36.03 -8.09
N LEU D 142 13.50 36.13 -9.05
CA LEU D 142 13.51 37.26 -9.97
C LEU D 142 13.28 38.58 -9.22
N THR D 143 12.30 38.59 -8.31
CA THR D 143 11.99 39.85 -7.62
C THR D 143 13.06 40.22 -6.61
N VAL D 144 13.87 39.25 -6.16
CA VAL D 144 14.87 39.61 -5.16
C VAL D 144 16.16 40.05 -5.84
N ILE D 145 16.53 39.48 -6.99
CA ILE D 145 17.72 39.95 -7.68
C ILE D 145 17.42 40.98 -8.75
N GLY D 146 16.16 41.41 -8.85
CA GLY D 146 15.83 42.50 -9.76
C GLY D 146 15.70 43.82 -9.01
N GLY D 147 16.01 43.82 -7.73
CA GLY D 147 15.95 45.02 -6.92
C GLY D 147 17.32 45.51 -6.49
N SER D 148 18.33 44.65 -6.59
CA SER D 148 19.68 45.01 -6.22
C SER D 148 20.45 45.67 -7.36
N ALA D 149 19.85 45.78 -8.54
CA ALA D 149 20.52 46.44 -9.66
C ALA D 149 20.87 47.89 -9.38
N PRO D 150 19.97 48.74 -8.85
CA PRO D 150 20.31 50.17 -8.70
C PRO D 150 21.55 50.41 -7.84
N ALA D 151 21.92 49.48 -6.97
CA ALA D 151 23.14 49.63 -6.19
C ALA D 151 24.39 49.80 -7.06
N VAL D 152 24.28 49.61 -8.38
CA VAL D 152 25.43 49.84 -9.25
C VAL D 152 25.62 51.30 -9.60
N PHE D 153 24.80 52.20 -9.07
CA PHE D 153 24.93 53.63 -9.30
C PHE D 153 25.53 54.35 -8.09
N VAL D 154 26.49 53.71 -7.43
CA VAL D 154 27.17 54.29 -6.28
C VAL D 154 28.61 54.59 -6.70
N GLN D 155 29.35 55.22 -5.78
CA GLN D 155 30.79 55.38 -5.95
C GLN D 155 31.50 54.24 -5.25
N SER D 156 31.38 54.18 -3.91
CA SER D 156 32.04 53.18 -3.09
C SER D 156 33.57 53.23 -3.14
N THR D 157 34.10 54.44 -3.35
CA THR D 157 35.54 54.65 -3.54
C THR D 157 36.03 55.76 -2.63
N HIS D 158 35.61 55.74 -1.37
CA HIS D 158 36.01 56.76 -0.41
C HIS D 158 37.49 56.63 -0.06
N ARG D 166 42.25 51.66 0.33
CA ARG D 166 40.99 52.36 0.11
C ARG D 166 39.90 51.86 1.03
N ALA D 167 38.65 52.20 0.71
CA ALA D 167 37.51 51.78 1.51
C ALA D 167 36.25 51.92 0.66
N CYS D 168 35.35 50.94 0.78
CA CYS D 168 34.08 50.98 0.06
C CYS D 168 32.93 50.68 1.01
N PHE D 169 31.80 51.33 0.76
CA PHE D 169 30.59 51.18 1.57
C PHE D 169 30.76 51.58 3.03
N GLU D 170 31.65 52.54 3.27
CA GLU D 170 31.89 53.07 4.61
C GLU D 170 32.05 54.57 4.46
N ASN D 171 31.47 55.32 5.41
CA ASN D 171 31.65 56.77 5.53
C ASN D 171 31.30 57.50 4.23
N PHE D 172 30.04 57.34 3.82
CA PHE D 172 29.56 58.02 2.63
C PHE D 172 29.42 59.51 2.89
N PRO D 173 29.49 60.32 1.82
CA PRO D 173 29.19 61.75 1.97
C PRO D 173 27.72 61.99 2.25
N GLU D 174 27.42 63.16 2.81
CA GLU D 174 26.05 63.52 3.11
C GLU D 174 25.21 63.73 1.87
N ALA D 175 25.83 63.92 0.71
CA ALA D 175 25.07 64.11 -0.52
C ALA D 175 24.48 62.80 -1.02
N THR D 176 25.16 61.68 -0.81
CA THR D 176 24.64 60.38 -1.24
C THR D 176 23.41 59.98 -0.42
N TRP D 177 23.48 60.12 0.91
CA TRP D 177 22.38 59.71 1.76
C TRP D 177 21.13 60.56 1.50
N LYS D 178 21.33 61.85 1.23
CA LYS D 178 20.19 62.77 1.13
C LYS D 178 19.33 62.50 -0.10
N THR D 179 19.82 61.76 -1.09
CA THR D 179 19.07 61.62 -2.34
C THR D 179 18.95 60.19 -2.82
N TYR D 180 19.89 59.31 -2.43
CA TYR D 180 20.01 58.01 -3.07
C TYR D 180 19.67 56.85 -2.13
N LEU D 181 20.35 56.74 -0.99
CA LEU D 181 20.21 55.53 -0.17
C LEU D 181 18.90 55.48 0.58
N SER D 182 18.33 56.65 0.92
CA SER D 182 17.11 56.67 1.73
C SER D 182 15.95 55.99 1.00
N ARG D 183 15.84 56.20 -0.31
CA ARG D 183 14.73 55.62 -1.06
C ARG D 183 14.88 54.11 -1.22
N ILE D 184 16.11 53.64 -1.40
CA ILE D 184 16.34 52.19 -1.40
C ILE D 184 15.95 51.60 -0.05
N VAL D 185 16.33 52.28 1.04
CA VAL D 185 16.00 51.80 2.37
C VAL D 185 14.49 51.72 2.57
N ILE D 186 13.78 52.77 2.15
CA ILE D 186 12.32 52.78 2.36
C ILE D 186 11.65 51.70 1.51
N PHE D 187 12.14 51.50 0.28
CA PHE D 187 11.56 50.45 -0.57
C PHE D 187 11.77 49.08 0.06
N ILE D 188 13.00 48.78 0.50
CA ILE D 188 13.26 47.45 1.03
C ILE D 188 12.53 47.23 2.33
N GLU D 189 12.40 48.27 3.16
CA GLU D 189 11.64 48.12 4.41
C GLU D 189 10.16 47.93 4.15
N ILE D 190 9.61 48.62 3.14
CA ILE D 190 8.19 48.51 2.85
C ILE D 190 7.85 47.14 2.28
N VAL D 191 8.69 46.63 1.38
CA VAL D 191 8.35 45.38 0.69
C VAL D 191 8.81 44.15 1.47
N GLY D 192 10.04 44.14 1.96
CA GLY D 192 10.64 42.94 2.50
C GLY D 192 10.51 42.67 3.98
N PHE D 193 9.81 43.51 4.73
CA PHE D 193 9.70 43.14 6.14
C PHE D 193 8.29 43.18 6.69
N PHE D 194 7.47 44.15 6.30
CA PHE D 194 6.22 44.39 7.01
C PHE D 194 5.12 43.43 6.58
N ILE D 195 4.85 43.34 5.28
CA ILE D 195 3.84 42.41 4.79
C ILE D 195 4.17 40.97 5.15
N PRO D 196 5.41 40.48 4.99
CA PRO D 196 5.72 39.14 5.51
C PRO D 196 5.44 38.98 6.99
N LEU D 197 5.74 39.98 7.82
CA LEU D 197 5.48 39.85 9.25
C LEU D 197 3.99 39.72 9.53
N ILE D 198 3.16 40.55 8.89
CA ILE D 198 1.72 40.49 9.10
C ILE D 198 1.18 39.13 8.64
N LEU D 199 1.60 38.69 7.46
CA LEU D 199 1.14 37.40 6.94
C LEU D 199 1.51 36.27 7.88
N ASN D 200 2.77 36.22 8.30
CA ASN D 200 3.23 35.13 9.14
C ASN D 200 2.47 35.09 10.47
N VAL D 201 2.32 36.26 11.10
CA VAL D 201 1.67 36.29 12.41
C VAL D 201 0.20 35.89 12.29
N THR D 202 -0.51 36.40 11.28
CA THR D 202 -1.93 36.07 11.17
C THR D 202 -2.15 34.60 10.83
N CYS D 203 -1.31 34.04 9.94
CA CYS D 203 -1.46 32.62 9.61
C CYS D 203 -1.18 31.74 10.82
N SER D 204 -0.12 32.05 11.58
CA SER D 204 0.17 31.25 12.77
C SER D 204 -0.92 31.39 13.82
N SER D 205 -1.51 32.58 13.96
CA SER D 205 -2.59 32.76 14.93
C SER D 205 -3.81 31.93 14.54
N MET D 206 -4.20 31.94 13.26
CA MET D 206 -5.36 31.13 12.87
C MET D 206 -5.10 29.64 13.00
N VAL D 207 -3.88 29.19 12.66
CA VAL D 207 -3.57 27.77 12.84
C VAL D 207 -3.60 27.39 14.31
N LEU D 208 -3.13 28.28 15.20
CA LEU D 208 -3.16 27.98 16.62
C LEU D 208 -4.58 27.96 17.16
N LYS D 209 -5.44 28.86 16.68
CA LYS D 209 -6.81 28.90 17.20
C LYS D 209 -7.72 27.85 16.58
N THR D 210 -7.32 27.24 15.47
CA THR D 210 -8.17 26.20 14.86
C THR D 210 -7.89 24.81 15.37
N LEU D 211 -6.90 24.63 16.25
CA LEU D 211 -6.61 23.32 16.83
C LEU D 211 -6.82 23.28 18.33
N THR D 212 -7.43 24.31 18.91
CA THR D 212 -7.78 24.33 20.32
C THR D 212 -9.27 24.21 20.55
N LYS D 213 -10.05 23.97 19.51
CA LYS D 213 -11.48 23.80 19.66
C LYS D 213 -11.78 22.48 20.38
N PRO D 214 -12.90 22.40 21.10
CA PRO D 214 -13.27 21.17 21.80
C PRO D 214 -13.87 20.11 20.88
N ASN D 223 -1.86 13.46 20.75
CA ASN D 223 -1.61 14.51 21.73
C ASN D 223 -1.37 15.85 21.05
N LYS D 224 -1.81 16.93 21.70
CA LYS D 224 -1.67 18.28 21.17
C LYS D 224 -0.63 19.08 21.91
N THR D 225 0.38 18.41 22.47
CA THR D 225 1.52 19.08 23.08
C THR D 225 2.73 19.12 22.16
N LYS D 226 2.60 18.61 20.93
CA LYS D 226 3.68 18.64 19.96
C LYS D 226 3.29 19.47 18.74
N VAL D 227 2.06 19.99 18.71
CA VAL D 227 1.60 20.84 17.62
C VAL D 227 1.63 22.30 17.99
N LEU D 228 1.72 22.63 19.28
CA LEU D 228 1.75 24.02 19.71
C LEU D 228 3.16 24.55 19.95
N LYS D 229 4.12 23.67 20.26
CA LYS D 229 5.48 24.13 20.49
C LYS D 229 6.17 24.55 19.20
N MET D 230 5.91 23.81 18.11
CA MET D 230 6.59 24.06 16.84
C MET D 230 6.26 25.44 16.29
N ILE D 231 4.98 25.83 16.34
CA ILE D 231 4.56 27.13 15.83
C ILE D 231 5.19 28.25 16.63
N PHE D 232 5.18 28.10 17.97
CA PHE D 232 5.81 29.10 18.82
C PHE D 232 7.29 29.24 18.50
N VAL D 233 7.99 28.11 18.34
CA VAL D 233 9.43 28.17 18.08
C VAL D 233 9.70 28.91 16.77
N HIS D 234 8.96 28.55 15.72
CA HIS D 234 9.18 29.18 14.42
C HIS D 234 8.91 30.68 14.48
N LEU D 235 7.76 31.07 15.02
CA LEU D 235 7.39 32.48 15.07
C LEU D 235 8.36 33.28 15.91
N ILE D 236 8.77 32.74 17.07
CA ILE D 236 9.67 33.45 17.96
C ILE D 236 11.04 33.65 17.31
N ILE D 237 11.57 32.61 16.67
CA ILE D 237 12.86 32.77 16.02
C ILE D 237 12.79 33.82 14.91
N PHE D 238 11.74 33.75 14.08
CA PHE D 238 11.59 34.74 13.01
C PHE D 238 11.59 36.16 13.56
N CYS D 239 10.72 36.43 14.53
CA CYS D 239 10.61 37.79 15.07
C CYS D 239 11.92 38.23 15.70
N PHE D 240 12.47 37.40 16.60
CA PHE D 240 13.67 37.78 17.34
C PHE D 240 14.84 38.04 16.41
N CYS D 241 15.00 37.23 15.37
CA CYS D 241 16.15 37.40 14.50
C CYS D 241 15.97 38.50 13.46
N PHE D 242 14.74 38.96 13.18
CA PHE D 242 14.63 39.93 12.10
C PHE D 242 14.13 41.31 12.49
N VAL D 243 13.34 41.47 13.54
CA VAL D 243 12.75 42.77 13.86
C VAL D 243 13.79 43.84 14.23
N PRO D 244 14.71 43.57 15.18
CA PRO D 244 15.59 44.66 15.65
C PRO D 244 16.43 45.28 14.56
N TYR D 245 16.94 44.49 13.62
CA TYR D 245 17.78 45.07 12.58
C TYR D 245 17.02 46.03 11.71
N ASN D 246 15.78 45.70 11.34
CA ASN D 246 15.01 46.57 10.46
C ASN D 246 14.63 47.86 11.18
N ILE D 247 14.23 47.77 12.45
CA ILE D 247 13.93 48.99 13.19
C ILE D 247 15.17 49.87 13.30
N ASN D 248 16.32 49.26 13.63
CA ASN D 248 17.55 50.01 13.75
C ASN D 248 17.95 50.64 12.42
N LEU D 249 17.71 49.94 11.32
CA LEU D 249 18.10 50.46 10.01
C LEU D 249 17.23 51.65 9.61
N ILE D 250 15.93 51.60 9.89
CA ILE D 250 15.12 52.77 9.55
C ILE D 250 15.51 53.95 10.42
N LEU D 251 15.78 53.72 11.72
CA LEU D 251 16.23 54.83 12.56
C LEU D 251 17.58 55.36 12.11
N TYR D 252 18.47 54.48 11.65
CA TYR D 252 19.79 54.90 11.16
C TYR D 252 19.67 55.75 9.90
N SER D 253 18.78 55.36 8.98
CA SER D 253 18.56 56.20 7.80
C SER D 253 18.01 57.56 8.20
N LEU D 254 17.10 57.60 9.16
CA LEU D 254 16.58 58.88 9.62
C LEU D 254 17.69 59.75 10.20
N VAL D 255 18.55 59.18 11.05
CA VAL D 255 19.57 59.99 11.70
C VAL D 255 20.64 60.43 10.71
N ARG D 256 20.93 59.60 9.70
CA ARG D 256 21.92 60.01 8.69
C ARG D 256 21.37 61.08 7.77
N THR D 257 20.08 61.02 7.46
CA THR D 257 19.47 62.08 6.65
C THR D 257 19.35 63.39 7.43
N GLN D 258 19.61 63.38 8.73
CA GLN D 258 19.64 64.57 9.57
C GLN D 258 18.29 65.28 9.60
N THR D 259 17.30 64.57 10.12
CA THR D 259 15.98 65.14 10.35
C THR D 259 15.76 65.56 11.81
N PHE D 260 16.57 65.04 12.74
CA PHE D 260 16.51 65.45 14.13
C PHE D 260 17.93 65.54 14.67
N VAL D 261 18.13 66.42 15.66
CA VAL D 261 19.47 66.77 16.10
C VAL D 261 19.66 66.57 17.60
N ASN D 262 18.83 65.71 18.20
CA ASN D 262 19.02 65.35 19.60
C ASN D 262 20.15 64.34 19.69
N CYS D 263 21.34 64.81 20.08
CA CYS D 263 22.54 63.98 19.92
C CYS D 263 22.58 62.79 20.87
N SER D 264 21.76 62.77 21.92
CA SER D 264 21.64 61.57 22.73
C SER D 264 21.03 60.43 21.90
N VAL D 265 19.94 60.72 21.19
CA VAL D 265 19.33 59.73 20.30
C VAL D 265 20.30 59.36 19.19
N VAL D 266 21.05 60.34 18.68
CA VAL D 266 22.01 60.08 17.61
C VAL D 266 23.06 59.10 18.08
N ALA D 267 23.64 59.34 19.26
CA ALA D 267 24.66 58.46 19.80
C ALA D 267 24.09 57.07 20.07
N ALA D 268 22.88 57.00 20.61
CA ALA D 268 22.26 55.70 20.90
C ALA D 268 22.07 54.90 19.62
N VAL D 269 21.54 55.53 18.57
CA VAL D 269 21.27 54.83 17.32
C VAL D 269 22.58 54.37 16.69
N ARG D 270 23.58 55.26 16.60
CA ARG D 270 24.82 54.92 15.93
C ARG D 270 25.60 53.87 16.71
N THR D 271 25.46 53.85 18.04
CA THR D 271 26.13 52.82 18.82
C THR D 271 25.41 51.48 18.73
N MET D 272 24.08 51.50 18.68
CA MET D 272 23.31 50.27 18.65
C MET D 272 23.28 49.62 17.27
N TYR D 273 23.60 50.35 16.21
CA TYR D 273 23.59 49.74 14.89
C TYR D 273 24.63 48.63 14.73
N PRO D 274 25.91 48.81 15.11
CA PRO D 274 26.85 47.69 14.95
C PRO D 274 26.51 46.46 15.76
N ILE D 275 25.93 46.63 16.96
CA ILE D 275 25.71 45.49 17.84
C ILE D 275 24.57 44.60 17.33
N THR D 276 23.57 45.19 16.68
CA THR D 276 22.67 44.42 15.85
C THR D 276 23.32 44.23 14.47
N LEU D 277 22.57 43.65 13.54
CA LEU D 277 23.08 43.12 12.26
C LEU D 277 23.92 41.87 12.48
N CYS D 278 24.19 41.50 13.74
CA CYS D 278 24.82 40.23 14.04
C CYS D 278 23.80 39.12 14.27
N ILE D 279 22.63 39.45 14.78
CA ILE D 279 21.57 38.44 14.91
C ILE D 279 21.06 38.03 13.53
N ALA D 280 20.95 38.99 12.61
CA ALA D 280 20.51 38.67 11.26
C ALA D 280 21.48 37.72 10.58
N VAL D 281 22.79 37.95 10.73
CA VAL D 281 23.77 37.05 10.10
C VAL D 281 23.92 35.76 10.88
N SER D 282 23.54 35.75 12.16
CA SER D 282 23.50 34.50 12.92
C SER D 282 22.31 33.64 12.55
N ASN D 283 21.26 34.24 11.98
CA ASN D 283 20.10 33.47 11.56
C ASN D 283 20.43 32.39 10.52
N CYS D 284 21.51 32.56 9.74
CA CYS D 284 21.78 31.62 8.65
C CYS D 284 22.23 30.25 9.14
N CYS D 285 22.54 30.10 10.43
CA CYS D 285 22.89 28.81 11.00
C CYS D 285 21.81 28.25 11.91
N PHE D 286 20.73 28.99 12.14
CA PHE D 286 19.62 28.52 12.95
C PHE D 286 18.54 27.82 12.14
N ASP D 287 18.40 28.19 10.86
CA ASP D 287 17.48 27.48 9.98
C ASP D 287 17.77 25.98 9.86
N PRO D 288 19.01 25.54 9.59
CA PRO D 288 19.24 24.11 9.38
C PRO D 288 19.21 23.26 10.64
N ILE D 289 18.86 23.83 11.79
CA ILE D 289 18.72 23.07 13.02
C ILE D 289 17.29 23.07 13.54
N VAL D 290 16.49 24.09 13.23
CA VAL D 290 15.15 24.22 13.79
C VAL D 290 14.12 23.62 12.83
N TYR D 291 14.04 24.16 11.61
CA TYR D 291 13.10 23.64 10.62
C TYR D 291 13.42 22.18 10.30
N TYR D 292 14.69 21.84 10.29
CA TYR D 292 15.12 20.46 10.19
C TYR D 292 15.25 19.87 11.59
N PHE D 293 15.43 18.56 11.65
CA PHE D 293 15.60 17.85 12.92
C PHE D 293 14.40 18.11 13.83
N THR D 294 13.24 17.67 13.37
CA THR D 294 12.00 17.89 14.09
C THR D 294 11.14 16.63 14.13
N ALA E 7 -26.85 -34.20 -1.81
CA ALA E 7 -25.93 -33.73 -2.84
C ALA E 7 -24.55 -34.34 -2.66
N SER E 8 -24.31 -34.92 -1.48
CA SER E 8 -23.00 -35.50 -1.18
C SER E 8 -22.78 -36.83 -1.86
N ILE E 9 -23.86 -37.57 -2.16
CA ILE E 9 -23.71 -38.89 -2.80
C ILE E 9 -23.12 -38.73 -4.19
N ALA E 10 -23.65 -37.79 -4.97
CA ALA E 10 -23.12 -37.57 -6.31
C ALA E 10 -21.68 -37.08 -6.27
N GLN E 11 -21.36 -36.19 -5.33
CA GLN E 11 -20.00 -35.70 -5.21
C GLN E 11 -19.04 -36.82 -4.86
N ALA E 12 -19.43 -37.69 -3.92
CA ALA E 12 -18.58 -38.81 -3.56
C ALA E 12 -18.39 -39.77 -4.72
N ARG E 13 -19.46 -40.05 -5.47
CA ARG E 13 -19.34 -40.92 -6.62
C ARG E 13 -18.41 -40.33 -7.67
N LYS E 14 -18.53 -39.03 -7.92
CA LYS E 14 -17.66 -38.37 -8.91
C LYS E 14 -16.21 -38.40 -8.45
N LEU E 15 -15.96 -38.16 -7.15
CA LEU E 15 -14.59 -38.21 -6.64
C LEU E 15 -14.01 -39.61 -6.76
N VAL E 16 -14.82 -40.64 -6.46
CA VAL E 16 -14.36 -42.01 -6.61
C VAL E 16 -14.02 -42.32 -8.06
N GLU E 17 -14.87 -41.86 -8.99
CA GLU E 17 -14.60 -42.10 -10.40
C GLU E 17 -13.32 -41.41 -10.87
N GLN E 18 -13.11 -40.17 -10.43
CA GLN E 18 -11.88 -39.46 -10.80
C GLN E 18 -10.65 -40.17 -10.23
N LEU E 19 -10.73 -40.60 -8.97
CA LEU E 19 -9.61 -41.31 -8.37
C LEU E 19 -9.31 -42.62 -9.10
N LYS E 20 -10.37 -43.34 -9.52
CA LYS E 20 -10.15 -44.55 -10.30
C LYS E 20 -9.50 -44.23 -11.63
N MET E 21 -9.89 -43.12 -12.26
CA MET E 21 -9.29 -42.74 -13.54
C MET E 21 -7.82 -42.38 -13.37
N GLU E 22 -7.46 -41.76 -12.24
CA GLU E 22 -6.09 -41.28 -12.06
C GLU E 22 -5.11 -42.41 -11.78
N ALA E 23 -5.54 -43.46 -11.09
CA ALA E 23 -4.64 -44.50 -10.62
C ALA E 23 -4.30 -45.54 -11.68
N ASN E 24 -4.50 -45.24 -12.96
CA ASN E 24 -4.26 -46.19 -14.04
C ASN E 24 -3.33 -45.60 -15.09
N ILE E 25 -2.23 -45.01 -14.64
CA ILE E 25 -1.24 -44.42 -15.53
C ILE E 25 0.12 -45.03 -15.25
N ASP E 26 0.99 -45.00 -16.24
CA ASP E 26 2.34 -45.53 -16.11
C ASP E 26 3.29 -44.43 -15.66
N ARG E 27 4.25 -44.80 -14.80
CA ARG E 27 5.20 -43.86 -14.24
C ARG E 27 6.61 -44.33 -14.54
N ILE E 28 7.54 -43.38 -14.52
CA ILE E 28 8.95 -43.67 -14.73
C ILE E 28 9.70 -43.38 -13.44
N LYS E 29 11.01 -43.60 -13.43
CA LYS E 29 11.82 -43.39 -12.25
C LYS E 29 12.41 -41.98 -12.24
N VAL E 30 12.70 -41.50 -11.03
CA VAL E 30 13.15 -40.12 -10.83
C VAL E 30 14.50 -39.87 -11.49
N SER E 31 15.38 -40.87 -11.49
CA SER E 31 16.71 -40.67 -12.04
C SER E 31 16.67 -40.32 -13.52
N LYS E 32 15.79 -40.99 -14.28
CA LYS E 32 15.69 -40.70 -15.71
C LYS E 32 15.18 -39.28 -15.97
N ALA E 33 14.19 -38.84 -15.20
CA ALA E 33 13.68 -37.47 -15.33
C ALA E 33 14.76 -36.44 -15.00
N ALA E 34 15.52 -36.68 -13.92
CA ALA E 34 16.59 -35.75 -13.57
C ALA E 34 17.67 -35.72 -14.65
N ALA E 35 18.01 -36.88 -15.22
CA ALA E 35 19.00 -36.93 -16.29
C ALA E 35 18.53 -36.15 -17.51
N ASP E 36 17.26 -36.29 -17.85
CA ASP E 36 16.72 -35.54 -19.00
C ASP E 36 16.75 -34.04 -18.74
N LEU E 37 16.40 -33.61 -17.52
CA LEU E 37 16.46 -32.19 -17.20
C LEU E 37 17.89 -31.65 -17.34
N MET E 38 18.86 -32.40 -16.81
CA MET E 38 20.25 -31.96 -16.92
C MET E 38 20.70 -31.89 -18.37
N ALA E 39 20.37 -32.90 -19.17
CA ALA E 39 20.78 -32.91 -20.56
C ALA E 39 20.20 -31.72 -21.32
N TYR E 40 18.93 -31.40 -21.08
CA TYR E 40 18.35 -30.24 -21.76
C TYR E 40 19.02 -28.95 -21.31
N CYS E 41 19.29 -28.82 -20.00
CA CYS E 41 19.92 -27.59 -19.53
C CYS E 41 21.30 -27.42 -20.12
N GLU E 42 22.04 -28.51 -20.27
CA GLU E 42 23.42 -28.45 -20.74
C GLU E 42 23.54 -28.40 -22.26
N ALA E 43 22.50 -28.76 -23.00
CA ALA E 43 22.56 -28.64 -24.46
C ALA E 43 22.25 -27.24 -24.95
N HIS E 44 21.69 -26.38 -24.10
CA HIS E 44 21.25 -25.05 -24.49
C HIS E 44 21.89 -23.95 -23.63
N ALA E 45 23.09 -24.21 -23.09
CA ALA E 45 23.70 -23.29 -22.14
C ALA E 45 24.31 -22.06 -22.81
N LYS E 46 24.57 -22.11 -24.11
CA LYS E 46 25.25 -21.01 -24.80
C LYS E 46 24.27 -20.02 -25.41
N GLU E 47 22.97 -20.29 -25.38
CA GLU E 47 21.95 -19.40 -25.93
C GLU E 47 21.27 -18.57 -24.86
N ASP E 48 21.78 -18.57 -23.63
CA ASP E 48 21.17 -17.84 -22.53
C ASP E 48 21.97 -16.59 -22.24
N PRO E 49 21.47 -15.39 -22.56
CA PRO E 49 22.19 -14.16 -22.23
C PRO E 49 22.03 -13.67 -20.81
N LEU E 50 21.07 -14.17 -20.05
CA LEU E 50 20.98 -13.81 -18.64
C LEU E 50 21.93 -14.62 -17.78
N LEU E 51 22.46 -15.73 -18.31
CA LEU E 51 23.39 -16.59 -17.60
C LEU E 51 24.83 -16.29 -17.96
N THR E 52 25.12 -16.12 -19.25
CA THR E 52 26.43 -15.71 -19.74
C THR E 52 26.23 -14.43 -20.54
N PRO E 53 26.38 -13.27 -19.90
CA PRO E 53 26.04 -12.01 -20.56
C PRO E 53 26.86 -11.77 -21.82
N VAL E 54 26.21 -11.13 -22.79
CA VAL E 54 26.82 -10.81 -24.08
C VAL E 54 27.56 -9.48 -23.98
N PRO E 55 28.47 -9.16 -24.91
CA PRO E 55 29.14 -7.86 -24.85
C PRO E 55 28.20 -6.68 -25.04
N ALA E 56 28.73 -5.46 -24.91
CA ALA E 56 27.87 -4.27 -24.97
C ALA E 56 27.43 -3.96 -26.39
N SER E 57 28.20 -4.38 -27.40
CA SER E 57 27.86 -4.02 -28.77
C SER E 57 26.66 -4.77 -29.32
N GLU E 58 26.20 -5.81 -28.63
CA GLU E 58 25.03 -6.56 -29.05
C GLU E 58 23.88 -6.46 -28.06
N ASN E 59 23.97 -5.54 -27.09
CA ASN E 59 22.92 -5.36 -26.09
C ASN E 59 22.00 -4.25 -26.56
N PRO E 60 20.76 -4.54 -26.97
CA PRO E 60 19.85 -3.47 -27.41
C PRO E 60 19.40 -2.55 -26.29
N PHE E 61 19.65 -2.90 -25.02
CA PHE E 61 19.29 -2.07 -23.89
C PHE E 61 20.50 -1.33 -23.30
N ARG E 62 21.58 -1.21 -24.06
CA ARG E 62 22.79 -0.55 -23.58
C ARG E 62 22.55 0.94 -23.41
#